data_3AE6
#
_entry.id   3AE6
#
_cell.length_a   71.119
_cell.length_b   84.120
_cell.length_c   293.558
_cell.angle_alpha   90.000
_cell.angle_beta   90.000
_cell.angle_gamma   90.000
#
_symmetry.space_group_name_H-M   'P 21 21 21'
#
loop_
_entity.id
_entity.type
_entity.pdbx_description
1 polymer 'Succinate dehydrogenase [ubiquinone] flavoprotein subunit, mitochondrial'
2 polymer 'Succinate dehydrogenase [ubiquinone] iron-sulfur subunit, mitochondrial'
3 polymer 'Succinate dehydrogenase cytochrome b560 subunit, mitochondrial'
4 polymer 'Succinate dehydrogenase [ubiquinone] cytochrome b small subunit, mitochondrial'
5 non-polymer 'FLAVIN-ADENINE DINUCLEOTIDE'
6 non-polymer 'FE2/S2 (INORGANIC) CLUSTER'
7 non-polymer 'IRON/SULFUR CLUSTER'
8 non-polymer 'FE3-S4 CLUSTER'
9 non-polymer 'PROTOPORPHYRIN IX CONTAINING FE'
10 non-polymer '2-{[3-(1-methylethoxy)phenyl]carbamoyl}benzoic acid'
11 non-polymer L-ALPHA-PHOSPHATIDYL-BETA-OLEOYL-GAMMA-PALMITOYL-PHOSPHATIDYLETHANOLAMINE
#
loop_
_entity_poly.entity_id
_entity_poly.type
_entity_poly.pdbx_seq_one_letter_code
_entity_poly.pdbx_strand_id
1 'polypeptide(L)'
;SSAKVSDAISTQYPVVDHEFDAVVVGAGGAGLRAAFGLSEAGFNTACVTKLFPTRSHTVAAQGGINAALGNMEEDNWRWH
FYDTVKGSDWLGDQDAIHYMTEQAPASVVELENYGMPFSRTEDGKIYQRAFGGQSLKFGKGGQAHRCCCVADRTGHSLLH
TLYGRSLRYDTSYFVEYFALDLLMENGECRGVIALCIEDGSIHRIRARNTVVATGGYGRTYFSCTSAHTSTGDGTAMVTR
AGLPCQDLEFVQFHPTGIYGAGCLITEGCRGEGGILINSQGERFMERYAPVAKDLASRDVVSRSMTLEIREGRGCGPEKD
HVYLQLHHLPPEQLAVRLPGISETAMIFAGVDVTKEPIPVLPTVHYNMGGIPTNYKGQVLRHVNGQDQVVPGLYACGEAA
CASVHGANRLGANSLLDLVVFGRACALSIAESCRPGDKVPSIKPNAGEESVMNLDKLRFANGTIRTSELRLSMQKSMQSH
AAVFRVGSVLQEGCEKILRLYGDLQHLKTFDRGMVWNTDLVETLELQNLMLCALQTIYGAEARKESRGAHAREDFKERVD
EYDYSKPIQGQQKKPFQEHWRKHTLSYVDVKTGKVSLEYRPVIDKTLNEADCATVPPAIRSY
;
A
2 'polypeptide(L)'
;AQTAAATAPRIKKFAIYRWDPDKTGDKPHMQTYEIDLNNCGPMVLDALIKIKNEIDSTLTFRRSCREGICGSCAMNINGG
NTLACTRRIDTNLDKVSKIYPLPHMYVIKDLVPDLSNFYAQYKSIEPYLKKKDESQEGKQQYLQSIEEREKLDGLYECIL
CACCSTSCPSYWWNGDKYLGPAVLMQAYRWMIDSRDDFTEERLAKLQDPFSLYRCHTIMNCTGTCPKGLNPGKAIAEIKK
MMATYKEKKASA
;
B
3 'polypeptide(L)'
;LGTTAKEEMERFWNKNLGSNRPLSPHITIYRWSLPMAMSICHRGTGIALSAGVSLFGLSALLLPGNFESHLELVKSLCLG
PTLIYTAKFGIVFPLMYHTWNGIRHLIWDLGKGLTIPQLTQSGVVVLILTVLSSVGLAAM
;
C
4 'polypeptide(L)'
;ASSKAASLHWTGERVVSVLLLGLLPAAYLNPCSAMDYSLAAALTLHGHWGIGQVVTDYVRGDALQKAAKAGLLALSAFTF
AGLCYFNYHDVGICKAVAMLWKL
;
D
#
loop_
_chem_comp.id
_chem_comp.type
_chem_comp.name
_chem_comp.formula
EPH non-polymer L-ALPHA-PHOSPHATIDYL-BETA-OLEOYL-GAMMA-PALMITOYL-PHOSPHATIDYLETHANOLAMINE 'C39 H68 N O8 P'
F3S non-polymer 'FE3-S4 CLUSTER' 'Fe3 S4'
FAD non-polymer 'FLAVIN-ADENINE DINUCLEOTIDE' 'C27 H33 N9 O15 P2'
FES non-polymer 'FE2/S2 (INORGANIC) CLUSTER' 'Fe2 S2'
HEM non-polymer 'PROTOPORPHYRIN IX CONTAINING FE' 'C34 H32 Fe N4 O4'
JMP non-polymer '2-{[3-(1-methylethoxy)phenyl]carbamoyl}benzoic acid' 'C17 H17 N O4'
SF4 non-polymer 'IRON/SULFUR CLUSTER' 'Fe4 S4'
#
# COMPACT_ATOMS: atom_id res chain seq x y z
N SER A 10 -33.45 -12.88 -8.77
CA SER A 10 -33.82 -14.27 -8.39
C SER A 10 -33.15 -15.30 -9.31
N THR A 11 -32.30 -16.13 -8.71
CA THR A 11 -31.60 -17.24 -9.41
C THR A 11 -30.68 -16.79 -10.56
N GLN A 12 -30.76 -15.51 -10.91
CA GLN A 12 -29.78 -14.84 -11.76
C GLN A 12 -28.44 -14.82 -11.01
N TYR A 13 -28.53 -14.71 -9.69
CA TYR A 13 -27.37 -14.66 -8.81
C TYR A 13 -27.13 -16.02 -8.13
N PRO A 14 -25.93 -16.59 -8.32
CA PRO A 14 -25.60 -17.87 -7.69
C PRO A 14 -25.25 -17.71 -6.21
N VAL A 15 -26.11 -18.24 -5.34
CA VAL A 15 -25.87 -18.21 -3.89
C VAL A 15 -24.91 -19.33 -3.46
N VAL A 16 -23.84 -18.94 -2.77
CA VAL A 16 -22.84 -19.90 -2.29
C VAL A 16 -22.60 -19.69 -0.78
N ASP A 17 -23.08 -20.66 0.02
CA ASP A 17 -22.96 -20.59 1.47
C ASP A 17 -21.62 -21.15 1.97
N HIS A 18 -20.95 -20.39 2.82
CA HIS A 18 -19.70 -20.81 3.46
C HIS A 18 -19.94 -21.07 4.95
N GLU A 19 -19.10 -21.91 5.56
CA GLU A 19 -19.24 -22.24 6.98
C GLU A 19 -17.95 -22.04 7.76
N PHE A 20 -18.00 -21.20 8.80
CA PHE A 20 -16.82 -20.86 9.60
C PHE A 20 -17.10 -20.75 11.11
N ASP A 21 -16.03 -20.57 11.89
CA ASP A 21 -16.15 -20.30 13.31
C ASP A 21 -16.46 -18.83 13.57
N ALA A 22 -15.77 -17.95 12.84
CA ALA A 22 -15.90 -16.49 13.00
C ALA A 22 -15.62 -15.74 11.70
N VAL A 23 -16.31 -14.60 11.52
CA VAL A 23 -16.10 -13.73 10.38
C VAL A 23 -15.61 -12.36 10.83
N VAL A 24 -14.54 -11.88 10.23
CA VAL A 24 -14.06 -10.53 10.48
C VAL A 24 -14.24 -9.68 9.22
N VAL A 25 -14.95 -8.57 9.35
CA VAL A 25 -15.15 -7.66 8.22
C VAL A 25 -14.23 -6.45 8.36
N GLY A 26 -13.12 -6.47 7.62
CA GLY A 26 -12.11 -5.41 7.68
C GLY A 26 -10.71 -5.98 7.72
N ALA A 27 -9.86 -5.51 6.82
CA ALA A 27 -8.47 -5.98 6.75
C ALA A 27 -7.47 -4.91 7.19
N GLY A 28 -7.99 -3.77 7.62
CA GLY A 28 -7.16 -2.71 8.16
C GLY A 28 -6.91 -2.90 9.64
N GLY A 29 -5.64 -2.80 10.03
CA GLY A 29 -5.21 -2.82 11.43
C GLY A 29 -6.05 -3.66 12.38
N ALA A 30 -7.10 -3.05 12.92
CA ALA A 30 -8.01 -3.71 13.86
C ALA A 30 -8.52 -5.04 13.31
N GLY A 31 -9.08 -5.00 12.11
CA GLY A 31 -9.64 -6.19 11.46
C GLY A 31 -8.65 -7.34 11.37
N LEU A 32 -7.45 -7.04 10.88
CA LEU A 32 -6.37 -8.01 10.81
C LEU A 32 -6.03 -8.61 12.18
N ARG A 33 -5.72 -7.75 13.15
CA ARG A 33 -5.34 -8.18 14.50
C ARG A 33 -6.43 -9.03 15.16
N ALA A 34 -7.67 -8.82 14.74
CA ALA A 34 -8.80 -9.64 15.17
C ALA A 34 -8.86 -10.95 14.39
N ALA A 35 -8.53 -10.88 13.10
CA ALA A 35 -8.61 -12.04 12.21
C ALA A 35 -7.61 -13.14 12.60
N PHE A 36 -6.32 -12.80 12.61
CA PHE A 36 -5.28 -13.76 12.99
C PHE A 36 -5.20 -13.97 14.50
N GLY A 37 -5.67 -12.98 15.26
CA GLY A 37 -5.79 -13.12 16.72
C GLY A 37 -6.72 -14.25 17.09
N LEU A 38 -7.75 -14.44 16.28
CA LEU A 38 -8.69 -15.57 16.41
C LEU A 38 -8.06 -16.88 15.94
N SER A 39 -7.46 -16.87 14.75
CA SER A 39 -6.85 -18.06 14.17
C SER A 39 -5.70 -18.59 15.02
N GLU A 40 -5.01 -17.69 15.72
CA GLU A 40 -3.96 -18.04 16.67
C GLU A 40 -4.55 -18.83 17.85
N ALA A 41 -5.77 -18.47 18.25
CA ALA A 41 -6.48 -19.15 19.33
C ALA A 41 -7.14 -20.46 18.87
N GLY A 42 -6.85 -20.86 17.64
CA GLY A 42 -7.35 -22.11 17.07
C GLY A 42 -8.77 -22.03 16.54
N PHE A 43 -9.08 -20.94 15.86
CA PHE A 43 -10.40 -20.74 15.27
C PHE A 43 -10.39 -20.74 13.75
N ASN A 44 -11.36 -21.44 13.17
CA ASN A 44 -11.60 -21.44 11.73
C ASN A 44 -12.20 -20.08 11.32
N THR A 45 -11.33 -19.11 11.14
CA THR A 45 -11.74 -17.72 10.93
C THR A 45 -11.72 -17.34 9.45
N ALA A 46 -12.71 -16.54 9.03
CA ALA A 46 -12.75 -15.99 7.68
C ALA A 46 -12.76 -14.46 7.72
N CYS A 47 -11.91 -13.84 6.91
CA CYS A 47 -11.85 -12.40 6.82
C CYS A 47 -12.41 -11.92 5.48
N VAL A 48 -13.29 -10.92 5.54
CA VAL A 48 -13.94 -10.37 4.34
C VAL A 48 -13.55 -8.90 4.18
N THR A 49 -13.04 -8.55 3.01
CA THR A 49 -12.57 -7.19 2.74
C THR A 49 -12.76 -6.77 1.28
N LYS A 50 -13.27 -5.55 1.08
CA LYS A 50 -13.51 -5.01 -0.26
C LYS A 50 -12.22 -4.55 -0.95
N LEU A 51 -11.24 -4.14 -0.14
CA LEU A 51 -9.92 -3.79 -0.63
C LEU A 51 -8.98 -4.98 -0.39
N PHE A 52 -7.75 -4.87 -0.89
CA PHE A 52 -6.68 -5.78 -0.46
C PHE A 52 -6.13 -5.24 0.86
N PRO A 53 -5.87 -6.14 1.84
CA PRO A 53 -5.35 -5.82 3.16
C PRO A 53 -4.41 -4.61 3.26
N THR A 54 -3.41 -4.54 2.38
CA THR A 54 -2.44 -3.44 2.38
C THR A 54 -3.06 -2.10 1.97
N ARG A 55 -4.03 -2.17 1.06
CA ARG A 55 -4.68 -0.97 0.51
C ARG A 55 -5.68 -0.32 1.48
N SER A 56 -5.97 -1.01 2.60
CA SER A 56 -6.86 -0.48 3.64
C SER A 56 -6.37 0.87 4.15
N HIS A 57 -7.18 1.62 4.87
CA HIS A 57 -6.78 2.98 5.18
C HIS A 57 -5.86 3.22 6.34
N THR A 58 -5.56 2.21 7.14
CA THR A 58 -4.52 2.40 8.16
C THR A 58 -3.11 2.55 7.57
N VAL A 59 -2.98 2.25 6.28
CA VAL A 59 -1.72 2.44 5.55
C VAL A 59 -1.41 3.93 5.40
N ALA A 60 -2.47 4.74 5.33
CA ALA A 60 -2.36 6.18 5.16
C ALA A 60 -1.99 6.91 6.45
N ALA A 61 -1.68 6.16 7.50
CA ALA A 61 -1.34 6.73 8.79
C ALA A 61 0.14 7.12 8.87
N GLN A 62 0.41 8.22 9.57
CA GLN A 62 1.73 8.85 9.59
C GLN A 62 2.29 9.06 10.99
N GLY A 63 1.52 9.75 11.83
CA GLY A 63 1.96 10.18 13.15
C GLY A 63 2.63 9.13 14.01
N GLY A 64 1.84 8.23 14.56
CA GLY A 64 2.36 7.15 15.39
C GLY A 64 1.33 6.32 16.12
N ILE A 65 1.82 5.54 17.09
CA ILE A 65 0.98 4.64 17.88
C ILE A 65 1.35 4.82 19.36
N ASN A 66 0.41 5.30 20.16
CA ASN A 66 0.71 5.70 21.54
C ASN A 66 0.88 4.56 22.55
N ALA A 67 2.02 4.58 23.23
CA ALA A 67 2.34 3.63 24.31
C ALA A 67 3.31 4.26 25.29
N ALA A 68 2.96 4.21 26.58
CA ALA A 68 3.81 4.74 27.62
C ALA A 68 4.88 3.72 28.02
N LEU A 69 5.84 3.51 27.11
CA LEU A 69 6.92 2.56 27.32
C LEU A 69 8.03 3.11 28.21
N GLY A 70 8.07 4.43 28.34
CA GLY A 70 9.12 5.11 29.08
C GLY A 70 10.44 5.05 28.33
N ASN A 71 10.36 5.22 27.01
CA ASN A 71 11.52 5.11 26.13
C ASN A 71 12.23 6.44 25.84
N MET A 72 11.63 7.54 26.30
CA MET A 72 12.27 8.85 26.19
C MET A 72 12.54 9.43 27.58
N GLU A 73 11.47 9.74 28.30
CA GLU A 73 11.54 10.11 29.71
C GLU A 73 10.97 8.95 30.53
N GLU A 74 11.03 9.04 31.85
CA GLU A 74 10.35 8.06 32.71
C GLU A 74 8.86 8.35 32.64
N ASP A 75 8.06 7.30 32.43
CA ASP A 75 6.64 7.46 32.13
C ASP A 75 5.75 6.51 32.92
N ASN A 76 4.44 6.74 32.84
CA ASN A 76 3.43 5.91 33.49
C ASN A 76 2.21 5.82 32.59
N TRP A 77 1.70 4.60 32.39
CA TRP A 77 0.55 4.37 31.52
C TRP A 77 -0.74 5.02 32.03
N ARG A 78 -0.75 5.37 33.32
CA ARG A 78 -1.90 6.03 33.92
C ARG A 78 -1.93 7.52 33.56
N TRP A 79 -0.76 8.08 33.26
CA TRP A 79 -0.68 9.46 32.75
C TRP A 79 -1.26 9.53 31.35
N HIS A 80 -1.16 8.40 30.64
CA HIS A 80 -1.77 8.24 29.31
C HIS A 80 -3.28 8.09 29.44
N PHE A 81 -3.72 7.54 30.58
CA PHE A 81 -5.15 7.41 30.87
C PHE A 81 -5.81 8.77 31.05
N TYR A 82 -5.20 9.62 31.87
CA TYR A 82 -5.72 10.95 32.16
C TYR A 82 -5.88 11.80 30.90
N ASP A 83 -4.85 11.78 30.05
CA ASP A 83 -4.83 12.62 28.85
C ASP A 83 -5.85 12.20 27.81
N THR A 84 -6.11 10.90 27.72
CA THR A 84 -7.11 10.37 26.80
C THR A 84 -8.53 10.70 27.28
N VAL A 85 -8.77 10.52 28.58
CA VAL A 85 -10.09 10.80 29.17
C VAL A 85 -10.38 12.31 29.20
N LYS A 86 -9.33 13.12 29.34
CA LYS A 86 -9.48 14.58 29.26
C LYS A 86 -9.83 14.98 27.83
N GLY A 87 -9.04 14.49 26.88
CA GLY A 87 -9.26 14.74 25.46
C GLY A 87 -10.65 14.33 25.00
N SER A 88 -11.18 13.26 25.60
CA SER A 88 -12.51 12.75 25.28
C SER A 88 -13.62 13.69 25.74
N ASP A 89 -13.24 14.79 26.40
CA ASP A 89 -14.17 15.78 26.95
C ASP A 89 -15.20 15.14 27.89
N TRP A 90 -14.75 14.14 28.64
CA TRP A 90 -15.55 13.38 29.60
C TRP A 90 -16.79 12.67 29.02
N LEU A 91 -16.79 12.49 27.70
CA LEU A 91 -17.79 11.67 27.02
C LEU A 91 -17.21 10.28 26.79
N GLY A 92 -15.93 10.11 27.11
CA GLY A 92 -15.25 8.84 26.97
C GLY A 92 -15.60 7.87 28.07
N ASP A 93 -15.84 6.61 27.70
CA ASP A 93 -16.09 5.55 28.67
C ASP A 93 -14.77 5.14 29.31
N GLN A 94 -14.64 5.44 30.59
CA GLN A 94 -13.35 5.35 31.28
C GLN A 94 -12.87 3.92 31.50
N ASP A 95 -13.79 2.96 31.43
CA ASP A 95 -13.45 1.54 31.57
C ASP A 95 -12.65 1.04 30.37
N ALA A 96 -13.05 1.48 29.18
CA ALA A 96 -12.36 1.13 27.94
C ALA A 96 -11.01 1.85 27.87
N ILE A 97 -10.96 3.09 28.33
CA ILE A 97 -9.73 3.89 28.35
C ILE A 97 -8.68 3.26 29.28
N HIS A 98 -9.13 2.80 30.44
CA HIS A 98 -8.30 2.01 31.36
C HIS A 98 -7.68 0.84 30.60
N TYR A 99 -8.53 0.04 29.96
CA TYR A 99 -8.13 -1.16 29.23
C TYR A 99 -7.15 -0.85 28.10
N MET A 100 -7.36 0.26 27.41
CA MET A 100 -6.53 0.63 26.27
C MET A 100 -5.15 1.14 26.67
N THR A 101 -5.08 1.89 27.77
CA THR A 101 -3.81 2.45 28.23
C THR A 101 -2.95 1.45 28.98
N GLU A 102 -3.57 0.43 29.57
CA GLU A 102 -2.84 -0.64 30.24
C GLU A 102 -2.20 -1.57 29.22
N GLN A 103 -2.96 -1.92 28.19
CA GLN A 103 -2.49 -2.78 27.11
C GLN A 103 -1.59 -2.03 26.13
N ALA A 104 -1.49 -0.71 26.32
CA ALA A 104 -0.72 0.15 25.41
C ALA A 104 0.74 -0.27 25.21
N PRO A 105 1.53 -0.39 26.30
CA PRO A 105 2.92 -0.81 26.10
C PRO A 105 3.01 -2.28 25.68
N ALA A 106 2.11 -3.11 26.20
CA ALA A 106 2.07 -4.54 25.87
C ALA A 106 1.83 -4.78 24.38
N SER A 107 0.84 -4.09 23.82
CA SER A 107 0.47 -4.25 22.41
C SER A 107 1.52 -3.75 21.41
N VAL A 108 2.27 -2.71 21.81
CA VAL A 108 3.32 -2.13 20.97
C VAL A 108 4.58 -2.99 20.96
N VAL A 109 4.97 -3.51 22.12
CA VAL A 109 6.10 -4.42 22.23
C VAL A 109 5.86 -5.67 21.38
N GLU A 110 4.63 -6.16 21.41
CA GLU A 110 4.19 -7.25 20.53
C GLU A 110 4.49 -6.94 19.06
N LEU A 111 4.07 -5.77 18.61
CA LEU A 111 4.23 -5.33 17.21
C LEU A 111 5.69 -5.22 16.79
N GLU A 112 6.55 -4.73 17.69
CA GLU A 112 7.98 -4.62 17.41
C GLU A 112 8.59 -6.02 17.29
N ASN A 113 8.05 -6.95 18.07
CA ASN A 113 8.42 -8.35 17.97
C ASN A 113 7.85 -9.02 16.73
N TYR A 114 6.71 -8.51 16.27
CA TYR A 114 6.06 -8.99 15.04
C TYR A 114 6.86 -8.64 13.79
N GLY A 115 7.53 -7.50 13.82
CA GLY A 115 8.40 -7.12 12.71
C GLY A 115 8.32 -5.65 12.29
N MET A 116 7.63 -4.84 13.09
CA MET A 116 7.47 -3.43 12.79
C MET A 116 8.78 -2.66 13.01
N PRO A 117 9.37 -2.16 11.92
CA PRO A 117 10.67 -1.49 11.98
C PRO A 117 10.59 -0.07 12.54
N PHE A 118 10.10 0.06 13.77
CA PHE A 118 10.06 1.35 14.47
C PHE A 118 11.39 2.09 14.36
N SER A 119 11.32 3.42 14.25
CA SER A 119 12.52 4.25 14.34
C SER A 119 13.15 4.06 15.71
N ARG A 120 14.45 4.33 15.81
CA ARG A 120 15.20 3.98 17.01
C ARG A 120 15.85 5.16 17.73
N THR A 121 16.05 4.99 19.04
CA THR A 121 16.69 5.98 19.88
C THR A 121 18.18 5.68 20.07
N GLU A 122 18.88 6.58 20.76
CA GLU A 122 20.29 6.41 21.09
C GLU A 122 20.52 5.15 21.91
N ASP A 123 19.62 4.90 22.86
CA ASP A 123 19.68 3.74 23.74
C ASP A 123 19.47 2.43 22.96
N GLY A 124 18.76 2.52 21.85
CA GLY A 124 18.45 1.36 21.01
C GLY A 124 17.01 0.90 21.15
N LYS A 125 16.19 1.73 21.77
CA LYS A 125 14.79 1.43 22.03
C LYS A 125 13.87 2.04 20.95
N ILE A 126 12.56 1.82 21.10
CA ILE A 126 11.55 2.41 20.21
C ILE A 126 11.53 3.93 20.36
N TYR A 127 11.40 4.61 19.22
CA TYR A 127 11.38 6.08 19.19
C TYR A 127 10.01 6.65 19.51
N GLN A 128 9.92 7.35 20.64
CA GLN A 128 8.72 8.05 21.05
C GLN A 128 8.89 9.56 20.80
N ARG A 129 7.81 10.23 20.42
CA ARG A 129 7.87 11.69 20.23
C ARG A 129 6.65 12.42 20.78
N ALA A 130 6.79 13.72 21.00
CA ALA A 130 5.70 14.56 21.47
C ALA A 130 4.55 14.59 20.45
N PHE A 131 3.33 14.76 20.97
CA PHE A 131 2.14 14.77 20.15
C PHE A 131 1.05 15.57 20.87
N GLY A 132 0.04 16.00 20.14
CA GLY A 132 -1.00 16.86 20.66
C GLY A 132 -1.84 16.27 21.78
N GLY A 133 -1.84 16.96 22.92
CA GLY A 133 -2.74 16.65 24.04
C GLY A 133 -2.20 15.75 25.14
N GLN A 134 -0.92 15.41 25.08
CA GLN A 134 -0.33 14.49 26.05
C GLN A 134 0.58 15.17 27.07
N SER A 135 0.60 14.63 28.29
CA SER A 135 1.28 15.26 29.42
C SER A 135 1.93 14.26 30.37
N LEU A 136 2.72 14.79 31.30
CA LEU A 136 3.36 13.98 32.34
C LEU A 136 2.86 14.38 33.72
N LYS A 137 2.94 13.43 34.66
CA LYS A 137 2.46 13.61 36.04
C LYS A 137 1.00 14.07 36.11
N PHE A 138 0.14 13.36 35.37
CA PHE A 138 -1.30 13.64 35.29
C PHE A 138 -1.63 15.07 34.86
N GLY A 139 -0.88 15.58 33.88
CA GLY A 139 -1.11 16.92 33.35
C GLY A 139 -0.57 18.04 34.22
N LYS A 140 0.53 17.78 34.91
CA LYS A 140 1.13 18.74 35.83
C LYS A 140 2.65 18.83 35.66
N GLY A 141 3.19 18.13 34.67
CA GLY A 141 4.64 18.06 34.48
C GLY A 141 5.15 18.13 33.06
N GLY A 142 4.62 19.08 32.29
CA GLY A 142 5.12 19.36 30.94
C GLY A 142 4.64 18.39 29.87
N GLN A 143 5.28 18.47 28.70
CA GLN A 143 4.90 17.69 27.52
C GLN A 143 5.39 16.25 27.60
N ALA A 144 4.51 15.32 27.17
CA ALA A 144 4.82 13.90 27.15
C ALA A 144 5.37 13.44 25.80
N HIS A 145 6.34 12.54 25.84
CA HIS A 145 6.94 11.96 24.64
C HIS A 145 6.77 10.44 24.66
N ARG A 146 5.63 9.97 24.17
CA ARG A 146 5.30 8.54 24.18
C ARG A 146 4.70 8.03 22.87
N CYS A 147 4.75 8.87 21.83
CA CYS A 147 4.24 8.49 20.51
C CYS A 147 5.26 7.68 19.72
N CYS A 148 5.12 6.35 19.80
CA CYS A 148 5.97 5.42 19.08
C CYS A 148 5.71 5.55 17.59
N CYS A 149 6.76 5.69 16.80
CA CYS A 149 6.61 5.92 15.36
C CYS A 149 7.66 5.27 14.47
N VAL A 150 7.24 4.94 13.25
CA VAL A 150 8.14 4.47 12.21
C VAL A 150 8.41 5.65 11.25
N ALA A 151 9.01 6.70 11.82
CA ALA A 151 9.39 7.92 11.09
C ALA A 151 8.41 8.35 9.99
N ASP A 152 7.24 8.84 10.41
CA ASP A 152 6.25 9.43 9.49
C ASP A 152 5.45 8.43 8.65
N ARG A 153 5.82 7.15 8.75
CA ARG A 153 5.12 6.08 8.04
C ARG A 153 4.75 4.97 9.02
N THR A 154 4.15 5.35 10.14
CA THR A 154 3.82 4.41 11.20
C THR A 154 2.68 3.49 10.77
N GLY A 155 1.62 4.07 10.21
CA GLY A 155 0.46 3.31 9.78
C GLY A 155 0.78 2.34 8.67
N HIS A 156 1.52 2.82 7.67
CA HIS A 156 1.98 1.98 6.57
C HIS A 156 2.67 0.73 7.09
N SER A 157 3.68 0.96 7.93
CA SER A 157 4.47 -0.11 8.53
C SER A 157 3.62 -0.99 9.45
N LEU A 158 2.63 -0.38 10.11
CA LEU A 158 1.71 -1.11 10.96
C LEU A 158 0.92 -2.13 10.14
N LEU A 159 0.15 -1.63 9.17
CA LEU A 159 -0.71 -2.48 8.34
C LEU A 159 0.06 -3.59 7.65
N HIS A 160 1.28 -3.28 7.21
CA HIS A 160 2.12 -4.25 6.53
C HIS A 160 2.60 -5.36 7.45
N THR A 161 3.19 -5.00 8.57
CA THR A 161 3.75 -5.99 9.49
C THR A 161 2.67 -6.80 10.21
N LEU A 162 1.45 -6.28 10.23
CA LEU A 162 0.29 -7.02 10.73
C LEU A 162 -0.16 -8.04 9.70
N TYR A 163 -0.17 -7.63 8.43
CA TYR A 163 -0.51 -8.53 7.33
C TYR A 163 0.57 -9.59 7.11
N GLY A 164 1.81 -9.14 7.07
CA GLY A 164 2.97 -10.03 6.86
C GLY A 164 3.04 -11.13 7.90
N ARG A 165 2.58 -10.83 9.11
CA ARG A 165 2.57 -11.80 10.20
C ARG A 165 1.32 -12.67 10.15
N SER A 166 0.26 -12.13 9.54
CA SER A 166 -1.03 -12.82 9.48
C SER A 166 -1.03 -14.02 8.53
N LEU A 167 -0.09 -14.07 7.61
CA LEU A 167 0.04 -15.18 6.66
C LEU A 167 0.38 -16.50 7.35
N ARG A 168 0.93 -16.41 8.56
CA ARG A 168 1.31 -17.58 9.36
C ARG A 168 0.14 -18.50 9.73
N TYR A 169 -1.07 -17.95 9.70
CA TYR A 169 -2.25 -18.68 10.17
C TYR A 169 -3.23 -19.02 9.06
N ASP A 170 -3.94 -20.13 9.24
CA ASP A 170 -4.85 -20.67 8.22
C ASP A 170 -6.20 -19.93 8.14
N THR A 171 -6.12 -18.60 8.05
CA THR A 171 -7.30 -17.76 7.93
C THR A 171 -7.74 -17.67 6.47
N SER A 172 -9.04 -17.83 6.22
CA SER A 172 -9.61 -17.74 4.88
C SER A 172 -10.00 -16.31 4.53
N TYR A 173 -9.16 -15.65 3.73
CA TYR A 173 -9.39 -14.27 3.32
C TYR A 173 -10.25 -14.18 2.07
N PHE A 174 -11.36 -13.46 2.17
CA PHE A 174 -12.21 -13.15 1.01
C PHE A 174 -11.85 -11.77 0.50
N VAL A 175 -10.83 -11.73 -0.36
CA VAL A 175 -10.27 -10.46 -0.84
C VAL A 175 -11.11 -9.90 -1.98
N GLU A 176 -11.38 -8.60 -1.89
CA GLU A 176 -12.24 -7.87 -2.84
C GLU A 176 -13.68 -8.42 -2.85
N TYR A 177 -14.27 -8.44 -1.65
CA TYR A 177 -15.68 -8.79 -1.45
C TYR A 177 -16.37 -7.66 -0.70
N PHE A 178 -17.46 -7.14 -1.26
CA PHE A 178 -18.20 -6.06 -0.63
C PHE A 178 -19.34 -6.61 0.24
N ALA A 179 -19.19 -6.49 1.55
CA ALA A 179 -20.20 -6.92 2.50
C ALA A 179 -21.42 -6.00 2.40
N LEU A 180 -22.59 -6.60 2.20
CA LEU A 180 -23.82 -5.86 1.96
C LEU A 180 -24.60 -5.61 3.25
N ASP A 181 -24.97 -6.69 3.93
CA ASP A 181 -25.77 -6.62 5.15
C ASP A 181 -25.32 -7.70 6.15
N LEU A 182 -25.79 -7.58 7.39
CA LEU A 182 -25.57 -8.61 8.40
C LEU A 182 -26.64 -9.69 8.31
N LEU A 183 -26.22 -10.94 8.29
CA LEU A 183 -27.14 -12.08 8.28
C LEU A 183 -27.78 -12.30 9.65
N MET A 184 -28.68 -11.41 10.01
CA MET A 184 -29.31 -11.39 11.31
C MET A 184 -30.59 -12.25 11.36
N GLU A 185 -30.74 -12.98 12.45
CA GLU A 185 -31.97 -13.75 12.71
C GLU A 185 -32.28 -13.75 14.20
N ASN A 186 -33.40 -13.10 14.56
CA ASN A 186 -33.87 -12.98 15.94
C ASN A 186 -32.80 -12.47 16.93
N GLY A 187 -32.42 -11.21 16.78
CA GLY A 187 -31.49 -10.55 17.71
C GLY A 187 -30.04 -10.95 17.57
N GLU A 188 -29.79 -12.24 17.40
CA GLU A 188 -28.44 -12.77 17.28
C GLU A 188 -27.93 -12.69 15.84
N CYS A 189 -26.62 -12.49 15.68
CA CYS A 189 -26.01 -12.45 14.35
C CYS A 189 -25.43 -13.80 13.96
N ARG A 190 -25.55 -14.12 12.68
CA ARG A 190 -25.12 -15.42 12.17
C ARG A 190 -23.99 -15.29 11.16
N GLY A 191 -23.66 -14.06 10.78
CA GLY A 191 -22.60 -13.81 9.82
C GLY A 191 -22.86 -12.63 8.89
N VAL A 192 -22.33 -12.72 7.67
CA VAL A 192 -22.49 -11.67 6.65
C VAL A 192 -22.82 -12.21 5.27
N ILE A 193 -23.62 -11.45 4.52
CA ILE A 193 -23.90 -11.72 3.11
C ILE A 193 -23.15 -10.70 2.26
N ALA A 194 -22.36 -11.18 1.29
CA ALA A 194 -21.42 -10.32 0.58
C ALA A 194 -21.37 -10.53 -0.94
N LEU A 195 -21.07 -9.46 -1.66
CA LEU A 195 -20.91 -9.50 -3.11
C LEU A 195 -19.46 -9.77 -3.49
N CYS A 196 -19.25 -10.75 -4.37
CA CYS A 196 -17.95 -11.07 -4.92
C CYS A 196 -17.68 -10.19 -6.15
N ILE A 197 -16.87 -9.15 -5.97
CA ILE A 197 -16.58 -8.19 -7.04
C ILE A 197 -15.93 -8.85 -8.27
N GLU A 198 -15.20 -9.93 -8.03
CA GLU A 198 -14.50 -10.67 -9.11
C GLU A 198 -15.40 -11.27 -10.18
N ASP A 199 -16.57 -11.78 -9.78
CA ASP A 199 -17.49 -12.42 -10.74
C ASP A 199 -18.98 -12.18 -10.45
N GLY A 200 -19.26 -11.19 -9.61
CA GLY A 200 -20.62 -10.73 -9.35
C GLY A 200 -21.50 -11.63 -8.50
N SER A 201 -20.98 -12.79 -8.10
CA SER A 201 -21.74 -13.76 -7.30
C SER A 201 -21.99 -13.28 -5.88
N ILE A 202 -22.98 -13.88 -5.22
CA ILE A 202 -23.35 -13.51 -3.85
C ILE A 202 -23.09 -14.67 -2.89
N HIS A 203 -22.33 -14.37 -1.83
CA HIS A 203 -21.92 -15.38 -0.86
C HIS A 203 -22.44 -15.09 0.54
N ARG A 204 -23.09 -16.09 1.13
CA ARG A 204 -23.56 -16.02 2.51
C ARG A 204 -22.57 -16.76 3.41
N ILE A 205 -21.82 -15.99 4.19
CA ILE A 205 -20.80 -16.56 5.06
C ILE A 205 -21.32 -16.59 6.50
N ARG A 206 -21.63 -17.79 6.99
CA ARG A 206 -22.18 -17.96 8.34
C ARG A 206 -21.15 -18.44 9.36
N ALA A 207 -21.26 -17.92 10.59
CA ALA A 207 -20.37 -18.26 11.69
C ALA A 207 -21.04 -18.01 13.04
N ARG A 208 -20.38 -18.44 14.11
CA ARG A 208 -20.87 -18.25 15.47
C ARG A 208 -20.67 -16.80 15.93
N ASN A 209 -19.65 -16.14 15.36
CA ASN A 209 -19.33 -14.76 15.71
C ASN A 209 -19.00 -13.90 14.50
N THR A 210 -19.12 -12.59 14.67
CA THR A 210 -18.90 -11.62 13.59
C THR A 210 -18.19 -10.36 14.11
N VAL A 211 -16.92 -10.21 13.75
CA VAL A 211 -16.16 -9.02 14.11
C VAL A 211 -16.31 -7.99 13.00
N VAL A 212 -16.60 -6.75 13.37
CA VAL A 212 -16.78 -5.68 12.38
C VAL A 212 -15.71 -4.60 12.60
N ALA A 213 -14.90 -4.38 11.56
CA ALA A 213 -13.85 -3.36 11.60
C ALA A 213 -13.77 -2.64 10.25
N THR A 214 -14.89 -2.07 9.83
CA THR A 214 -15.05 -1.49 8.50
C THR A 214 -14.54 -0.06 8.36
N GLY A 215 -13.90 0.46 9.41
CA GLY A 215 -13.32 1.80 9.37
C GLY A 215 -14.31 2.95 9.38
N GLY A 216 -13.79 4.16 9.22
CA GLY A 216 -14.57 5.39 9.31
C GLY A 216 -15.46 5.66 8.10
N TYR A 217 -16.13 6.82 8.15
CA TYR A 217 -17.03 7.25 7.09
C TYR A 217 -16.71 8.68 6.63
N GLY A 218 -15.42 8.99 6.56
CA GLY A 218 -14.95 10.34 6.24
C GLY A 218 -15.45 10.90 4.92
N ARG A 219 -15.76 10.03 3.97
CA ARG A 219 -16.23 10.44 2.65
C ARG A 219 -17.68 10.96 2.64
N THR A 220 -18.21 11.25 3.81
CA THR A 220 -19.52 11.93 3.94
C THR A 220 -19.38 13.41 3.58
N TYR A 221 -18.16 13.93 3.72
CA TYR A 221 -17.86 15.35 3.49
C TYR A 221 -17.14 15.57 2.16
N PHE A 222 -17.23 16.81 1.65
CA PHE A 222 -16.56 17.21 0.42
C PHE A 222 -15.03 17.15 0.54
N SER A 223 -14.53 17.53 1.72
CA SER A 223 -13.08 17.54 1.97
C SER A 223 -12.73 16.70 3.20
N CYS A 224 -11.91 15.68 2.99
CA CYS A 224 -11.48 14.78 4.06
C CYS A 224 -10.08 14.24 3.80
N THR A 225 -9.37 13.93 4.88
CA THR A 225 -8.04 13.33 4.78
C THR A 225 -8.13 11.85 4.42
N SER A 226 -9.26 11.23 4.77
CA SER A 226 -9.49 9.81 4.55
C SER A 226 -9.61 9.41 3.07
N ALA A 227 -9.36 8.13 2.80
CA ALA A 227 -9.38 7.56 1.45
C ALA A 227 -10.79 7.48 0.88
N HIS A 228 -10.89 7.20 -0.42
CA HIS A 228 -12.18 7.08 -1.12
C HIS A 228 -13.03 5.92 -0.60
N THR A 229 -12.37 4.94 0.02
CA THR A 229 -13.04 3.74 0.54
C THR A 229 -13.27 3.82 2.05
N SER A 230 -13.50 5.03 2.55
CA SER A 230 -13.93 5.25 3.92
C SER A 230 -15.39 5.66 3.87
N THR A 231 -16.25 4.65 3.69
CA THR A 231 -17.68 4.88 3.46
C THR A 231 -18.57 4.34 4.59
N GLY A 232 -17.94 4.00 5.72
CA GLY A 232 -18.65 3.50 6.90
C GLY A 232 -19.71 2.47 6.57
N ASP A 233 -19.26 1.38 5.93
CA ASP A 233 -20.16 0.36 5.41
C ASP A 233 -20.78 -0.53 6.50
N GLY A 234 -19.97 -0.89 7.50
CA GLY A 234 -20.45 -1.66 8.64
C GLY A 234 -21.38 -0.85 9.53
N THR A 235 -21.15 0.46 9.55
CA THR A 235 -22.01 1.39 10.28
C THR A 235 -23.42 1.36 9.70
N ALA A 236 -23.51 1.32 8.37
CA ALA A 236 -24.77 1.19 7.66
C ALA A 236 -25.35 -0.21 7.81
N MET A 237 -24.47 -1.21 7.85
CA MET A 237 -24.87 -2.61 8.05
C MET A 237 -25.52 -2.83 9.41
N VAL A 238 -24.94 -2.21 10.44
CA VAL A 238 -25.50 -2.23 11.79
C VAL A 238 -26.80 -1.42 11.82
N THR A 239 -26.81 -0.29 11.12
CA THR A 239 -27.98 0.58 11.02
C THR A 239 -29.20 -0.08 10.40
N ARG A 240 -28.98 -0.86 9.33
CA ARG A 240 -30.06 -1.54 8.61
C ARG A 240 -30.64 -2.73 9.38
N ALA A 241 -29.91 -3.21 10.37
CA ALA A 241 -30.39 -4.26 11.25
C ALA A 241 -31.30 -3.69 12.34
N GLY A 242 -31.32 -2.36 12.44
CA GLY A 242 -32.14 -1.66 13.44
C GLY A 242 -31.39 -1.40 14.72
N LEU A 243 -30.10 -1.74 14.74
CA LEU A 243 -29.24 -1.53 15.90
C LEU A 243 -28.76 -0.08 15.98
N PRO A 244 -28.67 0.47 17.20
CA PRO A 244 -28.32 1.87 17.38
C PRO A 244 -26.86 2.19 17.03
N CYS A 245 -26.61 3.45 16.72
CA CYS A 245 -25.25 3.93 16.46
C CYS A 245 -24.91 5.06 17.42
N GLN A 246 -23.70 5.00 17.97
CA GLN A 246 -23.29 5.92 19.04
C GLN A 246 -22.48 7.11 18.53
N ASP A 247 -22.78 8.29 19.09
CA ASP A 247 -21.99 9.51 18.93
C ASP A 247 -21.59 9.85 17.50
N LEU A 248 -22.53 9.75 16.56
CA LEU A 248 -22.22 9.93 15.15
C LEU A 248 -21.98 11.38 14.72
N GLU A 249 -22.50 12.32 15.51
CA GLU A 249 -22.32 13.75 15.23
C GLU A 249 -20.90 14.24 15.54
N PHE A 250 -20.18 13.48 16.35
CA PHE A 250 -18.80 13.82 16.72
C PHE A 250 -17.83 13.43 15.61
N VAL A 251 -17.40 14.44 14.85
CA VAL A 251 -16.54 14.26 13.68
C VAL A 251 -15.24 15.04 13.86
N GLN A 252 -14.10 14.34 13.84
CA GLN A 252 -12.80 14.98 14.06
C GLN A 252 -12.32 15.73 12.83
N PHE A 253 -11.97 16.99 13.04
CA PHE A 253 -11.32 17.81 12.02
C PHE A 253 -9.83 17.94 12.35
N HIS A 254 -8.99 17.28 11.55
CA HIS A 254 -7.55 17.41 11.71
C HIS A 254 -7.11 18.79 11.27
N PRO A 255 -6.40 19.52 12.16
CA PRO A 255 -5.95 20.88 11.92
C PRO A 255 -5.18 21.05 10.61
N THR A 256 -4.25 20.13 10.32
CA THR A 256 -3.32 20.29 9.20
C THR A 256 -3.54 19.31 8.06
N GLY A 257 -3.81 19.85 6.87
CA GLY A 257 -3.99 19.06 5.64
C GLY A 257 -3.93 19.96 4.43
N ILE A 258 -3.32 19.47 3.34
CA ILE A 258 -3.09 20.26 2.12
C ILE A 258 -4.38 20.94 1.61
N TYR A 259 -4.28 22.24 1.36
CA TYR A 259 -5.40 23.06 0.88
C TYR A 259 -6.09 22.48 -0.37
N GLY A 260 -5.30 21.86 -1.24
CA GLY A 260 -5.80 21.30 -2.50
C GLY A 260 -6.68 20.07 -2.33
N ALA A 261 -6.13 18.91 -2.67
CA ALA A 261 -6.87 17.64 -2.66
C ALA A 261 -7.35 17.23 -1.26
N GLY A 262 -6.61 17.62 -0.22
CA GLY A 262 -6.98 17.35 1.15
C GLY A 262 -6.29 16.14 1.75
N CYS A 263 -5.01 15.97 1.41
CA CYS A 263 -4.20 14.90 1.97
C CYS A 263 -3.70 15.32 3.35
N LEU A 264 -3.43 14.34 4.22
CA LEU A 264 -3.00 14.64 5.58
C LEU A 264 -1.52 14.99 5.67
N ILE A 265 -1.24 16.10 6.35
CA ILE A 265 0.08 16.38 6.87
C ILE A 265 -0.03 16.13 8.37
N THR A 266 0.76 15.18 8.86
CA THR A 266 0.62 14.67 10.23
C THR A 266 0.74 15.74 11.32
N GLU A 267 0.13 15.44 12.47
CA GLU A 267 0.28 16.25 13.67
C GLU A 267 1.68 16.06 14.26
N GLY A 268 2.36 15.00 13.83
CA GLY A 268 3.76 14.74 14.17
C GLY A 268 4.71 15.84 13.74
N CYS A 269 4.22 16.74 12.88
CA CYS A 269 4.96 17.94 12.51
C CYS A 269 5.01 18.92 13.69
N ARG A 270 3.87 19.06 14.36
CA ARG A 270 3.76 19.94 15.53
C ARG A 270 4.40 19.34 16.78
N GLY A 271 4.51 18.02 16.81
CA GLY A 271 5.19 17.31 17.88
C GLY A 271 6.70 17.40 17.80
N GLU A 272 7.21 17.60 16.58
CA GLU A 272 8.66 17.72 16.35
C GLU A 272 9.16 19.16 16.42
N GLY A 273 8.23 20.12 16.42
CA GLY A 273 8.57 21.54 16.56
C GLY A 273 7.91 22.48 15.56
N GLY A 274 7.05 21.94 14.70
CA GLY A 274 6.34 22.72 13.70
C GLY A 274 5.37 23.73 14.31
N ILE A 275 5.23 24.88 13.64
CA ILE A 275 4.43 25.99 14.16
C ILE A 275 3.33 26.40 13.18
N LEU A 276 2.23 26.94 13.71
CA LEU A 276 1.12 27.44 12.89
C LEU A 276 1.12 28.96 12.82
N ILE A 277 1.04 29.49 11.60
CA ILE A 277 1.23 30.92 11.33
C ILE A 277 0.07 31.53 10.53
N ASN A 278 -0.49 32.63 11.03
CA ASN A 278 -1.53 33.39 10.31
C ASN A 278 -0.93 34.44 9.36
N SER A 279 -1.79 35.25 8.73
CA SER A 279 -1.36 36.21 7.70
C SER A 279 -0.32 37.23 8.17
N GLN A 280 -0.25 37.49 9.48
CA GLN A 280 0.69 38.45 10.04
C GLN A 280 2.09 37.87 10.24
N GLY A 281 2.16 36.60 10.59
CA GLY A 281 3.42 35.94 10.94
C GLY A 281 3.45 35.58 12.41
N GLU A 282 2.42 36.03 13.13
CA GLU A 282 2.23 35.74 14.55
C GLU A 282 1.93 34.26 14.77
N ARG A 283 2.61 33.66 15.75
CA ARG A 283 2.25 32.33 16.23
C ARG A 283 0.94 32.46 17.02
N PHE A 284 -0.19 32.30 16.31
CA PHE A 284 -1.51 32.53 16.89
C PHE A 284 -1.92 31.44 17.89
N MET A 285 -1.32 30.26 17.76
CA MET A 285 -1.61 29.15 18.66
C MET A 285 -0.93 29.32 20.03
N GLU A 286 -0.28 30.46 20.22
CA GLU A 286 0.29 30.84 21.51
C GLU A 286 -0.64 31.85 22.19
N ARG A 287 -1.60 32.36 21.42
CA ARG A 287 -2.60 33.32 21.87
C ARG A 287 -3.84 32.60 22.40
N TYR A 288 -4.22 31.50 21.74
CA TYR A 288 -5.38 30.70 22.14
C TYR A 288 -5.07 29.80 23.33
N ALA A 289 -4.05 28.96 23.19
CA ALA A 289 -3.62 28.05 24.25
C ALA A 289 -2.26 28.46 24.81
N PRO A 290 -2.25 29.10 26.00
CA PRO A 290 -1.00 29.60 26.59
C PRO A 290 -0.03 28.49 27.00
N VAL A 291 -0.54 27.46 27.68
CA VAL A 291 0.30 26.41 28.25
C VAL A 291 0.80 25.43 27.18
N ALA A 292 -0.13 24.69 26.56
CA ALA A 292 0.23 23.62 25.63
C ALA A 292 0.60 24.11 24.22
N LYS A 293 0.24 25.36 23.91
CA LYS A 293 0.51 26.00 22.61
C LYS A 293 -0.05 25.23 21.42
N ASP A 294 0.68 25.21 20.30
CA ASP A 294 0.23 24.47 19.10
C ASP A 294 0.39 22.95 19.22
N LEU A 295 0.44 22.46 20.46
CA LEU A 295 0.48 21.03 20.74
C LEU A 295 -0.74 20.66 21.60
N ALA A 296 -1.83 21.39 21.36
CA ALA A 296 -3.09 21.20 22.08
C ALA A 296 -3.99 20.18 21.37
N SER A 297 -5.27 20.16 21.76
CA SER A 297 -6.24 19.19 21.27
C SER A 297 -6.57 19.34 19.78
N ARG A 298 -6.97 18.23 19.16
CA ARG A 298 -7.39 18.20 17.76
C ARG A 298 -8.56 19.16 17.48
N ASP A 299 -9.39 19.37 18.49
CA ASP A 299 -10.56 20.26 18.38
C ASP A 299 -10.22 21.72 18.64
N VAL A 300 -9.39 21.97 19.66
CA VAL A 300 -9.04 23.33 20.06
C VAL A 300 -8.17 24.02 19.01
N VAL A 301 -7.22 23.27 18.44
CA VAL A 301 -6.30 23.81 17.42
C VAL A 301 -7.02 24.16 16.11
N SER A 302 -7.80 23.22 15.58
CA SER A 302 -8.50 23.39 14.30
C SER A 302 -9.61 24.45 14.37
N ARG A 303 -10.28 24.53 15.52
CA ARG A 303 -11.31 25.55 15.75
C ARG A 303 -10.68 26.95 15.90
N SER A 304 -9.47 27.00 16.46
CA SER A 304 -8.69 28.24 16.50
C SER A 304 -8.26 28.64 15.10
N MET A 305 -7.87 27.66 14.30
CA MET A 305 -7.47 27.87 12.91
C MET A 305 -8.63 28.41 12.08
N THR A 306 -9.76 27.71 12.12
CA THR A 306 -10.94 28.07 11.33
C THR A 306 -11.57 29.39 11.78
N LEU A 307 -11.31 29.78 13.02
CA LEU A 307 -11.78 31.06 13.55
C LEU A 307 -10.89 32.20 13.05
N GLU A 308 -9.59 31.92 12.91
CA GLU A 308 -8.63 32.90 12.37
C GLU A 308 -8.94 33.28 10.91
N ILE A 309 -9.56 32.35 10.19
CA ILE A 309 -10.03 32.60 8.83
C ILE A 309 -11.23 33.56 8.87
N ARG A 310 -12.10 33.39 9.85
CA ARG A 310 -13.27 34.26 10.05
C ARG A 310 -12.84 35.70 10.38
N GLU A 311 -11.77 35.83 11.16
CA GLU A 311 -11.26 37.14 11.61
C GLU A 311 -10.65 37.94 10.46
N GLY A 312 -10.28 37.26 9.38
CA GLY A 312 -9.70 37.90 8.21
C GLY A 312 -8.21 37.65 8.06
N ARG A 313 -7.72 36.64 8.79
CA ARG A 313 -6.30 36.27 8.75
C ARG A 313 -6.01 35.08 7.83
N GLY A 314 -6.69 35.05 6.67
CA GLY A 314 -6.42 34.06 5.63
C GLY A 314 -5.07 34.32 4.99
N CYS A 315 -4.40 33.24 4.56
CA CYS A 315 -2.99 33.34 4.15
C CYS A 315 -2.72 33.30 2.64
N GLY A 316 -3.53 32.56 1.90
CA GLY A 316 -3.31 32.40 0.46
C GLY A 316 -3.91 33.52 -0.39
N PRO A 317 -3.88 33.34 -1.73
CA PRO A 317 -4.48 34.31 -2.66
C PRO A 317 -6.02 34.28 -2.63
N GLU A 318 -6.58 33.52 -1.70
CA GLU A 318 -8.03 33.38 -1.55
C GLU A 318 -8.50 33.80 -0.15
N LYS A 319 -7.54 33.95 0.77
CA LYS A 319 -7.81 34.35 2.16
C LYS A 319 -8.69 33.33 2.92
N ASP A 320 -8.46 32.04 2.68
CA ASP A 320 -9.31 31.00 3.26
C ASP A 320 -8.55 29.83 3.90
N HIS A 321 -7.22 29.94 4.01
CA HIS A 321 -6.40 28.89 4.62
C HIS A 321 -5.24 29.42 5.47
N VAL A 322 -4.66 28.53 6.26
CA VAL A 322 -3.59 28.87 7.22
C VAL A 322 -2.29 28.15 6.86
N TYR A 323 -1.22 28.43 7.61
CA TYR A 323 0.12 27.92 7.31
C TYR A 323 0.68 27.01 8.41
N LEU A 324 1.48 26.02 8.00
CA LEU A 324 2.23 25.15 8.91
C LEU A 324 3.71 25.26 8.54
N GLN A 325 4.49 25.86 9.43
CA GLN A 325 5.90 26.13 9.15
C GLN A 325 6.86 25.03 9.65
N LEU A 326 7.64 24.49 8.72
CA LEU A 326 8.70 23.54 9.01
C LEU A 326 10.04 24.11 8.55
N HIS A 327 9.98 25.32 7.99
CA HIS A 327 11.13 26.05 7.46
C HIS A 327 12.29 26.18 8.46
N HIS A 328 11.97 26.47 9.72
CA HIS A 328 12.97 26.76 10.74
C HIS A 328 13.68 25.53 11.33
N LEU A 329 13.04 24.35 11.24
CA LEU A 329 13.65 23.11 11.70
C LEU A 329 14.83 22.71 10.80
N PRO A 330 15.87 22.09 11.39
CA PRO A 330 17.04 21.63 10.63
C PRO A 330 16.66 20.56 9.59
N PRO A 331 17.28 20.62 8.39
CA PRO A 331 17.03 19.64 7.33
C PRO A 331 17.39 18.22 7.75
N GLU A 332 18.36 18.10 8.65
CA GLU A 332 18.79 16.84 9.24
C GLU A 332 17.63 16.08 9.88
N GLN A 333 16.78 16.81 10.60
CA GLN A 333 15.66 16.25 11.33
C GLN A 333 14.49 15.91 10.40
N LEU A 334 14.25 16.79 9.42
CA LEU A 334 13.14 16.62 8.48
C LEU A 334 13.33 15.40 7.56
N ALA A 335 14.58 15.07 7.26
CA ALA A 335 14.90 13.89 6.44
C ALA A 335 14.72 12.59 7.22
N VAL A 336 15.16 12.58 8.47
CA VAL A 336 15.13 11.38 9.31
C VAL A 336 13.74 11.15 9.93
N ARG A 337 13.10 12.23 10.37
CA ARG A 337 11.85 12.13 11.13
C ARG A 337 10.56 12.20 10.31
N LEU A 338 10.55 13.07 9.31
CA LEU A 338 9.34 13.31 8.51
C LEU A 338 9.61 13.34 6.99
N PRO A 339 10.00 12.19 6.40
CA PRO A 339 10.27 12.18 4.96
C PRO A 339 9.04 11.91 4.10
N GLY A 340 7.99 11.33 4.69
CA GLY A 340 6.77 11.01 3.98
C GLY A 340 5.94 12.23 3.63
N ILE A 341 5.93 13.20 4.54
CA ILE A 341 5.29 14.49 4.30
C ILE A 341 6.18 15.41 3.47
N SER A 342 7.50 15.27 3.62
CA SER A 342 8.48 16.06 2.87
C SER A 342 8.30 15.90 1.36
N GLU A 343 7.97 14.68 0.94
CA GLU A 343 7.73 14.37 -0.45
C GLU A 343 6.33 14.78 -0.90
N THR A 344 5.31 14.35 -0.14
CA THR A 344 3.91 14.59 -0.49
C THR A 344 3.49 16.07 -0.45
N ALA A 345 4.25 16.89 0.29
CA ALA A 345 4.05 18.34 0.30
C ALA A 345 4.50 18.95 -1.02
N MET A 346 5.63 18.45 -1.54
CA MET A 346 6.14 18.86 -2.85
C MET A 346 5.30 18.26 -3.98
N ILE A 347 4.87 17.01 -3.80
CA ILE A 347 4.10 16.29 -4.81
C ILE A 347 2.72 16.93 -5.07
N PHE A 348 2.02 17.30 -4.00
CA PHE A 348 0.67 17.84 -4.12
C PHE A 348 0.63 19.38 -4.12
N ALA A 349 1.17 19.99 -3.07
CA ALA A 349 1.10 21.44 -2.92
C ALA A 349 2.21 22.18 -3.68
N GLY A 350 3.20 21.43 -4.16
CA GLY A 350 4.35 22.00 -4.88
C GLY A 350 5.19 22.88 -3.97
N VAL A 351 5.54 22.34 -2.80
CA VAL A 351 6.19 23.12 -1.76
C VAL A 351 7.38 22.36 -1.15
N ASP A 352 8.56 22.99 -1.17
CA ASP A 352 9.73 22.48 -0.48
C ASP A 352 9.60 22.76 1.02
N VAL A 353 9.69 21.70 1.81
CA VAL A 353 9.47 21.78 3.26
C VAL A 353 10.53 22.59 4.00
N THR A 354 11.77 22.53 3.52
CA THR A 354 12.90 23.15 4.23
C THR A 354 13.05 24.65 3.99
N LYS A 355 12.31 25.19 3.02
CA LYS A 355 12.43 26.61 2.66
C LYS A 355 11.16 27.43 2.89
N GLU A 356 9.99 26.84 2.62
CA GLU A 356 8.71 27.52 2.83
C GLU A 356 7.66 26.63 3.53
N PRO A 357 6.72 27.25 4.28
CA PRO A 357 5.66 26.53 5.00
C PRO A 357 4.62 25.86 4.10
N ILE A 358 3.83 24.96 4.68
CA ILE A 358 2.79 24.23 3.96
C ILE A 358 1.43 24.91 4.14
N PRO A 359 0.65 25.06 3.05
CA PRO A 359 -0.74 25.50 3.17
C PRO A 359 -1.63 24.43 3.80
N VAL A 360 -2.22 24.74 4.95
CA VAL A 360 -3.04 23.78 5.71
C VAL A 360 -4.45 24.29 5.98
N LEU A 361 -5.39 23.36 6.10
CA LEU A 361 -6.79 23.66 6.38
C LEU A 361 -7.42 22.53 7.20
N PRO A 362 -8.13 22.89 8.29
CA PRO A 362 -8.85 21.90 9.10
C PRO A 362 -9.93 21.18 8.31
N THR A 363 -9.76 19.87 8.11
CA THR A 363 -10.73 19.05 7.39
C THR A 363 -10.97 17.72 8.11
N VAL A 364 -12.09 17.07 7.78
CA VAL A 364 -12.51 15.80 8.37
C VAL A 364 -11.39 14.75 8.34
N HIS A 365 -11.23 14.03 9.45
CA HIS A 365 -10.13 13.11 9.63
C HIS A 365 -10.57 11.78 10.25
N TYR A 366 -11.11 11.85 11.46
CA TYR A 366 -11.50 10.66 12.22
C TYR A 366 -13.00 10.69 12.54
N ASN A 367 -13.57 9.51 12.76
CA ASN A 367 -14.96 9.36 13.18
C ASN A 367 -15.05 8.63 14.52
N MET A 368 -15.08 9.41 15.62
CA MET A 368 -15.15 8.84 16.97
C MET A 368 -16.43 8.06 17.24
N GLY A 369 -17.50 8.42 16.53
CA GLY A 369 -18.76 7.68 16.60
C GLY A 369 -18.70 6.35 15.88
N GLY A 370 -19.80 5.62 15.94
CA GLY A 370 -19.90 4.31 15.29
C GLY A 370 -20.75 3.32 16.06
N ILE A 371 -20.36 2.06 16.00
CA ILE A 371 -21.10 0.96 16.61
C ILE A 371 -20.82 0.88 18.12
N PRO A 372 -21.87 1.00 18.95
CA PRO A 372 -21.75 0.93 20.41
C PRO A 372 -21.09 -0.36 20.88
N THR A 373 -20.03 -0.23 21.68
CA THR A 373 -19.14 -1.35 21.98
C THR A 373 -18.72 -1.41 23.45
N ASN A 374 -18.63 -2.63 23.97
CA ASN A 374 -18.04 -2.92 25.28
C ASN A 374 -16.56 -2.60 25.34
N TYR A 375 -15.98 -2.69 26.54
CA TYR A 375 -14.52 -2.68 26.67
C TYR A 375 -13.98 -4.04 26.20
N LYS A 376 -14.84 -5.05 26.26
CA LYS A 376 -14.55 -6.39 25.74
C LYS A 376 -14.72 -6.46 24.23
N GLY A 377 -15.43 -5.50 23.66
CA GLY A 377 -15.63 -5.45 22.21
C GLY A 377 -16.99 -5.90 21.74
N GLN A 378 -17.86 -6.24 22.69
CA GLN A 378 -19.19 -6.74 22.39
C GLN A 378 -20.09 -5.59 21.94
N VAL A 379 -20.85 -5.83 20.88
CA VAL A 379 -21.75 -4.80 20.34
C VAL A 379 -22.99 -4.66 21.21
N LEU A 380 -23.34 -3.41 21.53
CA LEU A 380 -24.41 -3.11 22.48
C LEU A 380 -25.68 -2.59 21.82
N ARG A 381 -26.81 -3.13 22.24
CA ARG A 381 -28.12 -2.60 21.88
C ARG A 381 -28.73 -1.91 23.11
N HIS A 382 -29.56 -0.91 22.87
CA HIS A 382 -30.19 -0.17 23.96
C HIS A 382 -31.70 -0.40 23.99
N VAL A 383 -32.13 -1.20 24.97
CA VAL A 383 -33.54 -1.55 25.14
C VAL A 383 -33.93 -1.35 26.60
N ASN A 384 -35.00 -0.59 26.82
CA ASN A 384 -35.49 -0.24 28.17
C ASN A 384 -34.47 0.57 28.98
N GLY A 385 -33.77 1.48 28.28
CA GLY A 385 -32.76 2.34 28.91
C GLY A 385 -31.55 1.61 29.48
N GLN A 386 -31.37 0.36 29.07
CA GLN A 386 -30.33 -0.50 29.63
C GLN A 386 -29.45 -1.12 28.54
N ASP A 387 -28.17 -1.30 28.88
CA ASP A 387 -27.22 -1.97 28.00
C ASP A 387 -27.50 -3.46 27.88
N GLN A 388 -27.26 -4.01 26.70
CA GLN A 388 -27.53 -5.42 26.41
C GLN A 388 -26.61 -5.91 25.29
N VAL A 389 -26.11 -7.13 25.45
CA VAL A 389 -25.15 -7.69 24.50
C VAL A 389 -25.86 -8.32 23.30
N VAL A 390 -25.49 -7.89 22.10
CA VAL A 390 -25.95 -8.51 20.86
C VAL A 390 -25.12 -9.77 20.63
N PRO A 391 -25.79 -10.95 20.62
CA PRO A 391 -25.08 -12.22 20.48
C PRO A 391 -24.48 -12.44 19.10
N GLY A 392 -23.22 -12.87 19.07
CA GLY A 392 -22.51 -13.19 17.83
C GLY A 392 -22.11 -11.99 17.00
N LEU A 393 -21.83 -10.87 17.66
CA LEU A 393 -21.46 -9.62 16.98
C LEU A 393 -20.49 -8.77 17.79
N TYR A 394 -19.35 -8.45 17.17
CA TYR A 394 -18.32 -7.62 17.78
C TYR A 394 -17.88 -6.51 16.82
N ALA A 395 -17.30 -5.44 17.36
CA ALA A 395 -16.78 -4.34 16.54
C ALA A 395 -15.54 -3.71 17.17
N CYS A 396 -14.62 -3.24 16.33
CA CYS A 396 -13.33 -2.68 16.79
C CYS A 396 -12.71 -1.69 15.81
N GLY A 397 -12.12 -0.62 16.36
CA GLY A 397 -11.39 0.36 15.55
C GLY A 397 -12.12 1.67 15.36
N GLU A 398 -11.82 2.34 14.24
CA GLU A 398 -12.49 3.57 13.82
C GLU A 398 -13.95 3.28 13.50
N ALA A 399 -14.18 2.06 12.99
CA ALA A 399 -15.51 1.58 12.65
C ALA A 399 -16.43 1.60 13.85
N ALA A 400 -15.94 1.08 14.96
CA ALA A 400 -16.72 0.94 16.18
C ALA A 400 -16.73 2.21 17.02
N CYS A 401 -17.46 2.14 18.13
CA CYS A 401 -17.48 3.20 19.13
C CYS A 401 -17.61 2.57 20.51
N ALA A 402 -16.46 2.17 21.06
CA ALA A 402 -16.36 1.88 22.48
C ALA A 402 -16.22 3.21 23.19
N SER A 403 -16.08 4.26 22.38
CA SER A 403 -15.82 5.63 22.83
C SER A 403 -14.69 5.68 23.84
N VAL A 404 -13.55 5.13 23.42
CA VAL A 404 -12.29 5.28 24.13
C VAL A 404 -11.71 6.66 23.77
N HIS A 405 -12.25 7.23 22.69
CA HIS A 405 -11.89 8.56 22.22
C HIS A 405 -12.94 9.60 22.62
N GLY A 406 -14.16 9.13 22.89
CA GLY A 406 -15.25 9.96 23.39
C GLY A 406 -15.78 11.03 22.46
N ALA A 407 -15.51 12.29 22.81
CA ALA A 407 -16.00 13.44 22.05
C ALA A 407 -14.93 14.04 21.15
N ASN A 408 -13.67 13.76 21.48
CA ASN A 408 -12.53 14.19 20.66
C ASN A 408 -11.36 13.22 20.81
N ARG A 409 -10.95 12.62 19.69
CA ARG A 409 -9.85 11.67 19.70
C ARG A 409 -8.50 12.37 19.91
N LEU A 410 -7.81 11.94 20.98
CA LEU A 410 -6.45 12.38 21.25
C LEU A 410 -5.54 11.85 20.15
N GLY A 411 -4.60 12.68 19.70
CA GLY A 411 -3.73 12.35 18.57
C GLY A 411 -2.90 11.08 18.74
N ALA A 412 -2.88 10.26 17.69
CA ALA A 412 -2.11 9.00 17.65
C ALA A 412 -2.64 7.91 18.60
N ASN A 413 -3.96 7.91 18.83
CA ASN A 413 -4.59 6.90 19.67
C ASN A 413 -5.32 5.81 18.89
N SER A 414 -5.75 6.11 17.67
CA SER A 414 -6.57 5.18 16.88
C SER A 414 -5.82 3.92 16.47
N LEU A 415 -4.55 4.06 16.09
CA LEU A 415 -3.74 2.89 15.74
C LEU A 415 -3.50 1.99 16.95
N LEU A 416 -3.54 2.59 18.14
CA LEU A 416 -3.57 1.82 19.39
C LEU A 416 -4.93 1.17 19.57
N ASP A 417 -5.98 1.98 19.44
CA ASP A 417 -7.36 1.54 19.49
C ASP A 417 -7.61 0.34 18.56
N LEU A 418 -7.01 0.40 17.37
CA LEU A 418 -7.09 -0.70 16.39
C LEU A 418 -6.55 -2.00 16.96
N VAL A 419 -5.27 -1.99 17.35
CA VAL A 419 -4.56 -3.17 17.82
C VAL A 419 -5.19 -3.74 19.09
N VAL A 420 -5.32 -2.91 20.11
CA VAL A 420 -5.84 -3.32 21.43
C VAL A 420 -7.24 -3.95 21.32
N PHE A 421 -8.16 -3.24 20.67
CA PHE A 421 -9.55 -3.70 20.60
C PHE A 421 -9.82 -4.74 19.52
N GLY A 422 -8.96 -4.78 18.50
CA GLY A 422 -8.94 -5.91 17.58
C GLY A 422 -8.60 -7.18 18.35
N ARG A 423 -7.53 -7.09 19.14
CA ARG A 423 -7.10 -8.17 20.04
C ARG A 423 -8.17 -8.52 21.07
N ALA A 424 -8.89 -7.50 21.54
CA ALA A 424 -9.95 -7.68 22.54
C ALA A 424 -11.04 -8.62 22.02
N CYS A 425 -11.55 -8.34 20.82
CA CYS A 425 -12.58 -9.16 20.19
C CYS A 425 -12.12 -10.62 20.04
N ALA A 426 -10.83 -10.81 19.77
CA ALA A 426 -10.22 -12.15 19.68
C ALA A 426 -10.30 -12.91 21.00
N LEU A 427 -9.90 -12.25 22.08
CA LEU A 427 -9.91 -12.86 23.41
C LEU A 427 -11.32 -13.00 23.97
N SER A 428 -12.21 -12.09 23.58
CA SER A 428 -13.62 -12.12 24.03
C SER A 428 -14.40 -13.26 23.40
N ILE A 429 -14.01 -13.67 22.20
CA ILE A 429 -14.57 -14.85 21.56
C ILE A 429 -13.90 -16.11 22.11
N ALA A 430 -12.57 -16.10 22.14
CA ALA A 430 -11.78 -17.24 22.62
C ALA A 430 -12.10 -17.64 24.05
N GLU A 431 -12.27 -16.64 24.91
CA GLU A 431 -12.52 -16.90 26.33
C GLU A 431 -14.02 -16.94 26.70
N SER A 432 -14.88 -17.09 25.69
CA SER A 432 -16.31 -17.28 25.92
C SER A 432 -16.80 -18.61 25.35
N CYS A 433 -16.77 -18.74 24.02
CA CYS A 433 -17.16 -19.99 23.36
C CYS A 433 -15.96 -20.77 22.85
N ARG A 434 -16.21 -21.99 22.35
CA ARG A 434 -15.15 -22.86 21.87
C ARG A 434 -15.20 -23.06 20.35
N PRO A 435 -14.05 -23.36 19.71
CA PRO A 435 -14.05 -23.67 18.28
C PRO A 435 -14.65 -25.05 18.00
N GLY A 436 -15.41 -25.15 16.92
CA GLY A 436 -16.11 -26.39 16.57
C GLY A 436 -17.53 -26.45 17.08
N ASP A 437 -17.91 -25.46 17.89
CA ASP A 437 -19.27 -25.35 18.41
C ASP A 437 -20.27 -25.06 17.29
N LYS A 438 -21.52 -25.42 17.52
CA LYS A 438 -22.56 -25.36 16.47
C LYS A 438 -22.70 -23.99 15.83
N VAL A 439 -22.55 -23.96 14.51
CA VAL A 439 -22.85 -22.79 13.71
C VAL A 439 -24.36 -22.72 13.55
N PRO A 440 -24.98 -21.63 14.05
CA PRO A 440 -26.44 -21.53 14.00
C PRO A 440 -26.96 -21.62 12.58
N SER A 441 -28.05 -22.36 12.40
CA SER A 441 -28.63 -22.58 11.07
C SER A 441 -29.29 -21.32 10.53
N ILE A 442 -28.79 -20.88 9.38
CA ILE A 442 -29.28 -19.68 8.70
C ILE A 442 -30.63 -19.95 8.03
N LYS A 443 -31.40 -18.89 7.82
CA LYS A 443 -32.66 -18.98 7.07
C LYS A 443 -32.42 -19.44 5.63
N PRO A 444 -33.39 -20.18 5.05
CA PRO A 444 -33.30 -20.54 3.63
C PRO A 444 -33.40 -19.30 2.74
N ASN A 445 -34.09 -18.28 3.23
CA ASN A 445 -34.31 -17.04 2.50
C ASN A 445 -33.30 -15.94 2.85
N ALA A 446 -32.64 -16.10 4.00
CA ALA A 446 -31.75 -15.08 4.58
C ALA A 446 -31.12 -14.09 3.60
N GLY A 447 -31.43 -12.80 3.80
CA GLY A 447 -30.87 -11.73 3.00
C GLY A 447 -31.44 -11.65 1.58
N GLU A 448 -32.76 -11.76 1.48
CA GLU A 448 -33.46 -11.61 0.20
C GLU A 448 -33.32 -10.17 -0.32
N GLU A 449 -33.56 -9.22 0.58
CA GLU A 449 -33.56 -7.80 0.25
C GLU A 449 -32.16 -7.20 0.19
N SER A 450 -31.16 -8.01 0.51
CA SER A 450 -29.76 -7.64 0.27
C SER A 450 -29.47 -7.84 -1.21
N VAL A 451 -30.10 -8.87 -1.78
CA VAL A 451 -30.03 -9.17 -3.22
C VAL A 451 -31.02 -8.29 -4.00
N MET A 452 -32.22 -8.13 -3.44
CA MET A 452 -33.24 -7.25 -4.03
C MET A 452 -32.77 -5.80 -4.06
N ASN A 453 -31.79 -5.48 -3.22
CA ASN A 453 -31.12 -4.20 -3.23
C ASN A 453 -30.08 -4.15 -4.33
N LEU A 454 -29.41 -5.28 -4.54
CA LEU A 454 -28.35 -5.41 -5.54
C LEU A 454 -28.93 -5.33 -6.95
N ASP A 455 -30.01 -6.06 -7.19
CA ASP A 455 -30.68 -6.12 -8.50
C ASP A 455 -31.35 -4.81 -8.88
N LYS A 456 -31.89 -4.12 -7.89
CA LYS A 456 -32.50 -2.80 -8.05
C LYS A 456 -31.47 -1.78 -8.54
N LEU A 457 -30.29 -1.78 -7.92
CA LEU A 457 -29.23 -0.84 -8.22
C LEU A 457 -28.41 -1.20 -9.47
N ARG A 458 -28.42 -2.48 -9.83
CA ARG A 458 -27.68 -2.97 -10.99
C ARG A 458 -28.35 -2.54 -12.30
N PHE A 459 -29.68 -2.44 -12.28
CA PHE A 459 -30.45 -2.05 -13.46
C PHE A 459 -31.06 -0.65 -13.37
N ALA A 460 -30.68 0.11 -12.34
CA ALA A 460 -31.27 1.43 -12.05
C ALA A 460 -31.49 2.32 -13.27
N ASN A 461 -32.75 2.75 -13.44
CA ASN A 461 -33.16 3.64 -14.55
C ASN A 461 -33.56 5.04 -14.06
N GLY A 462 -32.70 5.63 -13.23
CA GLY A 462 -33.00 6.91 -12.58
C GLY A 462 -32.89 8.13 -13.47
N THR A 463 -33.31 9.28 -12.94
CA THR A 463 -33.24 10.57 -13.63
C THR A 463 -32.08 11.44 -13.14
N ILE A 464 -31.48 11.03 -12.02
CA ILE A 464 -30.34 11.74 -11.43
C ILE A 464 -29.16 10.78 -11.27
N ARG A 465 -28.00 11.20 -11.77
CA ARG A 465 -26.78 10.38 -11.75
C ARG A 465 -26.26 10.15 -10.32
N THR A 466 -25.67 8.97 -10.10
CA THR A 466 -25.08 8.58 -8.81
C THR A 466 -24.01 9.55 -8.32
N SER A 467 -23.08 9.89 -9.21
CA SER A 467 -21.93 10.72 -8.87
C SER A 467 -22.29 12.12 -8.39
N GLU A 468 -23.32 12.71 -9.01
CA GLU A 468 -23.74 14.06 -8.68
C GLU A 468 -24.50 14.13 -7.35
N LEU A 469 -25.11 13.02 -6.97
CA LEU A 469 -25.79 12.90 -5.68
C LEU A 469 -24.78 12.71 -4.54
N ARG A 470 -23.65 12.08 -4.87
CA ARG A 470 -22.54 11.94 -3.92
C ARG A 470 -21.97 13.31 -3.56
N LEU A 471 -21.87 14.19 -4.55
CA LEU A 471 -21.43 15.56 -4.36
C LEU A 471 -22.49 16.41 -3.67
N SER A 472 -23.76 16.10 -3.95
CA SER A 472 -24.89 16.79 -3.31
C SER A 472 -24.91 16.56 -1.80
N MET A 473 -24.55 15.35 -1.39
CA MET A 473 -24.44 15.00 0.03
C MET A 473 -23.17 15.60 0.65
N GLN A 474 -22.06 15.53 -0.09
CA GLN A 474 -20.75 15.96 0.40
C GLN A 474 -20.66 17.46 0.70
N LYS A 475 -21.06 18.31 -0.24
CA LYS A 475 -21.00 19.76 -0.06
C LYS A 475 -22.00 20.27 0.98
N SER A 476 -23.16 19.61 1.08
CA SER A 476 -24.17 19.95 2.07
C SER A 476 -23.66 19.73 3.49
N MET A 477 -23.00 18.60 3.71
CA MET A 477 -22.38 18.30 5.00
C MET A 477 -21.24 19.27 5.29
N GLN A 478 -20.50 19.61 4.24
CA GLN A 478 -19.31 20.47 4.36
C GLN A 478 -19.63 21.87 4.85
N SER A 479 -20.81 22.37 4.53
CA SER A 479 -21.23 23.71 4.94
C SER A 479 -22.15 23.72 6.16
N HIS A 480 -23.11 22.79 6.19
CA HIS A 480 -24.14 22.77 7.25
C HIS A 480 -23.65 22.15 8.57
N ALA A 481 -22.63 21.29 8.49
CA ALA A 481 -22.06 20.66 9.68
C ALA A 481 -20.53 20.79 9.72
N ALA A 482 -20.06 22.03 9.68
CA ALA A 482 -18.63 22.33 9.70
C ALA A 482 -18.05 22.22 11.12
N VAL A 483 -16.90 22.84 11.35
CA VAL A 483 -16.30 22.93 12.68
C VAL A 483 -17.28 23.66 13.62
N PHE A 484 -17.75 24.82 13.19
CA PHE A 484 -18.80 25.55 13.88
C PHE A 484 -20.15 25.26 13.22
N ARG A 485 -21.19 25.10 14.05
CA ARG A 485 -22.54 24.85 13.55
C ARG A 485 -23.63 25.43 14.44
N VAL A 486 -24.50 26.23 13.82
CA VAL A 486 -25.68 26.80 14.49
C VAL A 486 -26.92 25.95 14.22
N GLY A 487 -27.92 26.07 15.10
CA GLY A 487 -29.21 25.42 14.91
C GLY A 487 -29.93 25.88 13.65
N SER A 488 -29.51 27.03 13.12
CA SER A 488 -30.04 27.57 11.87
C SER A 488 -29.64 26.70 10.67
N VAL A 489 -28.33 26.55 10.47
CA VAL A 489 -27.81 25.78 9.33
C VAL A 489 -28.01 24.27 9.52
N LEU A 490 -28.11 23.83 10.77
CA LEU A 490 -28.33 22.42 11.07
C LEU A 490 -29.75 21.99 10.72
N GLN A 491 -30.73 22.81 11.08
CA GLN A 491 -32.14 22.53 10.77
C GLN A 491 -32.44 22.49 9.27
N GLU A 492 -31.90 23.47 8.54
CA GLU A 492 -32.02 23.52 7.08
C GLU A 492 -31.21 22.38 6.45
N GLY A 493 -30.03 22.11 7.01
CA GLY A 493 -29.18 21.02 6.56
C GLY A 493 -29.82 19.66 6.75
N CYS A 494 -30.56 19.50 7.85
CA CYS A 494 -31.28 18.26 8.15
C CYS A 494 -32.33 17.92 7.12
N GLU A 495 -33.23 18.88 6.84
CA GLU A 495 -34.27 18.70 5.83
C GLU A 495 -33.72 18.71 4.41
N LYS A 496 -32.44 19.08 4.28
CA LYS A 496 -31.74 19.06 3.00
C LYS A 496 -31.14 17.68 2.73
N ILE A 497 -30.59 17.07 3.78
CA ILE A 497 -30.09 15.69 3.70
C ILE A 497 -31.26 14.72 3.58
N LEU A 498 -32.34 15.02 4.28
CA LEU A 498 -33.59 14.23 4.25
C LEU A 498 -34.17 14.07 2.84
N ARG A 499 -34.11 15.14 2.05
CA ARG A 499 -34.55 15.09 0.66
C ARG A 499 -33.61 14.22 -0.18
N LEU A 500 -32.32 14.31 0.11
CA LEU A 500 -31.28 13.58 -0.62
C LEU A 500 -31.30 12.07 -0.32
N TYR A 501 -32.12 11.67 0.64
CA TYR A 501 -32.38 10.26 0.91
C TYR A 501 -33.54 9.77 0.05
N GLY A 502 -34.48 10.67 -0.24
CA GLY A 502 -35.59 10.38 -1.14
C GLY A 502 -35.13 10.24 -2.57
N ASP A 503 -34.00 10.89 -2.88
CA ASP A 503 -33.43 10.86 -4.24
C ASP A 503 -32.73 9.54 -4.57
N LEU A 504 -32.64 8.65 -3.58
CA LEU A 504 -31.95 7.37 -3.73
C LEU A 504 -32.71 6.34 -4.58
N GLN A 505 -33.92 6.71 -5.00
CA GLN A 505 -34.68 5.92 -5.97
C GLN A 505 -34.90 6.73 -7.24
N HIS A 506 -34.03 7.72 -7.44
CA HIS A 506 -34.00 8.52 -8.65
C HIS A 506 -32.60 8.44 -9.29
N LEU A 507 -31.73 7.60 -8.74
CA LEU A 507 -30.36 7.50 -9.22
C LEU A 507 -30.19 6.58 -10.43
N LYS A 508 -29.35 7.01 -11.36
CA LYS A 508 -29.10 6.27 -12.59
C LYS A 508 -27.75 5.57 -12.55
N THR A 509 -27.77 4.27 -12.82
CA THR A 509 -26.55 3.48 -12.98
C THR A 509 -26.38 3.10 -14.46
N PHE A 510 -25.14 2.87 -14.89
CA PHE A 510 -24.84 2.58 -16.30
C PHE A 510 -24.26 1.19 -16.52
N ASP A 511 -23.28 0.81 -15.70
CA ASP A 511 -22.63 -0.50 -15.79
C ASP A 511 -23.60 -1.61 -15.35
N ARG A 512 -23.77 -2.60 -16.22
CA ARG A 512 -24.72 -3.70 -16.00
C ARG A 512 -24.02 -5.06 -15.95
N GLY A 513 -22.76 -5.07 -15.55
CA GLY A 513 -21.94 -6.28 -15.53
C GLY A 513 -21.66 -6.85 -14.15
N MET A 514 -21.52 -8.17 -14.11
CA MET A 514 -21.21 -8.90 -12.88
C MET A 514 -19.77 -8.66 -12.43
N VAL A 515 -18.84 -8.94 -13.33
CA VAL A 515 -17.41 -8.79 -13.07
C VAL A 515 -17.06 -7.31 -12.88
N TRP A 516 -16.58 -6.99 -11.68
CA TRP A 516 -16.10 -5.65 -11.33
C TRP A 516 -17.00 -4.50 -11.79
N ASN A 517 -17.96 -4.16 -10.95
CA ASN A 517 -18.88 -3.08 -11.23
C ASN A 517 -18.69 -1.94 -10.23
N THR A 518 -17.62 -1.17 -10.43
CA THR A 518 -17.33 -0.01 -9.57
C THR A 518 -18.46 1.02 -9.59
N ASP A 519 -19.26 1.01 -10.64
CA ASP A 519 -20.46 1.84 -10.72
C ASP A 519 -21.46 1.40 -9.65
N LEU A 520 -21.63 0.09 -9.51
CA LEU A 520 -22.59 -0.49 -8.55
C LEU A 520 -22.14 -0.33 -7.10
N VAL A 521 -20.87 -0.63 -6.83
CA VAL A 521 -20.36 -0.62 -5.46
C VAL A 521 -20.23 0.78 -4.85
N GLU A 522 -19.87 1.76 -5.69
CA GLU A 522 -19.81 3.14 -5.24
C GLU A 522 -21.21 3.70 -4.98
N THR A 523 -22.20 3.17 -5.70
CA THR A 523 -23.61 3.47 -5.46
C THR A 523 -24.08 2.78 -4.18
N LEU A 524 -23.59 1.56 -3.96
CA LEU A 524 -23.83 0.85 -2.69
C LEU A 524 -23.14 1.56 -1.54
N GLU A 525 -22.03 2.23 -1.85
CA GLU A 525 -21.35 3.10 -0.90
C GLU A 525 -22.17 4.36 -0.63
N LEU A 526 -22.93 4.81 -1.62
CA LEU A 526 -23.81 5.98 -1.48
C LEU A 526 -25.03 5.70 -0.59
N GLN A 527 -25.55 4.48 -0.66
CA GLN A 527 -26.61 4.03 0.25
C GLN A 527 -26.08 3.94 1.69
N ASN A 528 -24.82 3.51 1.81
CA ASN A 528 -24.17 3.36 3.10
C ASN A 528 -23.76 4.69 3.72
N LEU A 529 -23.26 5.61 2.89
CA LEU A 529 -22.84 6.93 3.34
C LEU A 529 -24.01 7.80 3.81
N MET A 530 -25.14 7.67 3.12
CA MET A 530 -26.36 8.44 3.43
C MET A 530 -26.95 8.09 4.79
N LEU A 531 -26.92 6.80 5.14
CA LEU A 531 -27.38 6.33 6.44
C LEU A 531 -26.50 6.91 7.55
N CYS A 532 -25.19 6.98 7.29
CA CYS A 532 -24.24 7.62 8.20
C CYS A 532 -24.50 9.13 8.29
N ALA A 533 -24.80 9.74 7.15
CA ALA A 533 -25.03 11.19 7.08
C ALA A 533 -26.26 11.64 7.86
N LEU A 534 -27.38 10.95 7.65
CA LEU A 534 -28.62 11.22 8.37
C LEU A 534 -28.41 11.20 9.88
N GLN A 535 -27.70 10.17 10.36
CA GLN A 535 -27.46 9.99 11.78
C GLN A 535 -26.44 10.98 12.33
N THR A 536 -25.57 11.49 11.46
CA THR A 536 -24.58 12.50 11.84
C THR A 536 -25.24 13.86 12.08
N ILE A 537 -25.98 14.34 11.08
CA ILE A 537 -26.54 15.69 11.07
C ILE A 537 -27.67 15.89 12.09
N TYR A 538 -28.52 14.87 12.26
CA TYR A 538 -29.64 14.93 13.19
C TYR A 538 -29.18 14.91 14.65
N GLY A 539 -28.16 14.09 14.92
CA GLY A 539 -27.54 14.04 16.24
C GLY A 539 -26.88 15.35 16.58
N ALA A 540 -26.43 16.07 15.56
CA ALA A 540 -25.75 17.35 15.72
C ALA A 540 -26.70 18.49 16.08
N GLU A 541 -27.86 18.53 15.41
CA GLU A 541 -28.86 19.56 15.69
C GLU A 541 -29.53 19.33 17.04
N ALA A 542 -29.63 18.06 17.42
CA ALA A 542 -30.24 17.66 18.69
C ALA A 542 -29.37 18.05 19.88
N ARG A 543 -28.07 17.76 19.77
CA ARG A 543 -27.10 18.07 20.82
C ARG A 543 -26.87 19.58 20.92
N LYS A 544 -27.18 20.14 22.08
CA LYS A 544 -27.13 21.59 22.29
C LYS A 544 -26.10 21.96 23.36
N GLU A 545 -24.83 21.74 23.01
CA GLU A 545 -23.70 22.03 23.89
C GLU A 545 -22.42 22.18 23.08
N SER A 546 -21.35 22.66 23.74
CA SER A 546 -20.02 22.71 23.12
C SER A 546 -19.06 21.73 23.79
N ARG A 547 -19.10 20.49 23.33
CA ARG A 547 -18.25 19.43 23.86
C ARG A 547 -17.37 18.87 22.74
N GLY A 548 -16.05 19.02 22.91
CA GLY A 548 -15.08 18.50 21.96
C GLY A 548 -15.23 19.07 20.56
N ALA A 549 -15.26 18.17 19.57
CA ALA A 549 -15.38 18.56 18.17
C ALA A 549 -16.76 19.13 17.81
N HIS A 550 -17.75 18.86 18.65
CA HIS A 550 -19.09 19.42 18.47
C HIS A 550 -19.20 20.73 19.23
N ALA A 551 -19.15 21.84 18.50
CA ALA A 551 -19.25 23.17 19.09
C ALA A 551 -20.42 23.96 18.50
N ARG A 552 -21.45 24.15 19.32
CA ARG A 552 -22.60 24.96 18.95
C ARG A 552 -22.30 26.43 19.22
N GLU A 553 -22.56 27.27 18.22
CA GLU A 553 -22.36 28.72 18.33
C GLU A 553 -23.37 29.32 19.31
N ASP A 554 -24.59 28.79 19.30
CA ASP A 554 -25.67 29.26 20.16
C ASP A 554 -25.60 28.69 21.59
N PHE A 555 -25.44 27.38 21.69
CA PHE A 555 -25.31 26.71 22.97
C PHE A 555 -23.84 26.39 23.23
N LYS A 556 -23.05 27.44 23.43
CA LYS A 556 -21.59 27.30 23.57
C LYS A 556 -21.13 26.81 24.95
N GLU A 557 -22.06 26.28 25.74
CA GLU A 557 -21.78 25.83 27.10
C GLU A 557 -21.40 24.35 27.14
N ARG A 558 -20.56 23.99 28.10
CA ARG A 558 -20.20 22.59 28.33
C ARG A 558 -21.14 22.00 29.38
N VAL A 559 -22.30 21.54 28.92
CA VAL A 559 -23.40 21.11 29.80
C VAL A 559 -23.19 19.71 30.38
N ASP A 560 -22.83 19.65 31.66
CA ASP A 560 -22.68 18.38 32.38
C ASP A 560 -23.82 18.21 33.38
N GLU A 561 -23.72 17.19 34.23
CA GLU A 561 -24.70 16.96 35.30
C GLU A 561 -24.58 18.07 36.35
N TYR A 562 -23.33 18.40 36.70
CA TYR A 562 -23.04 19.50 37.60
C TYR A 562 -22.30 20.61 36.85
N ASP A 563 -22.33 21.81 37.41
CA ASP A 563 -21.49 22.91 36.92
C ASP A 563 -20.12 22.76 37.56
N TYR A 564 -19.21 22.09 36.86
CA TYR A 564 -17.91 21.69 37.41
C TYR A 564 -16.89 22.83 37.57
N SER A 565 -17.32 24.07 37.31
CA SER A 565 -16.48 25.23 37.58
C SER A 565 -16.40 25.47 39.09
N LYS A 566 -17.56 25.71 39.72
CA LYS A 566 -17.66 25.77 41.17
C LYS A 566 -17.66 24.35 41.76
N PRO A 567 -17.00 24.14 42.92
CA PRO A 567 -16.90 22.80 43.49
C PRO A 567 -18.26 22.22 43.86
N ILE A 568 -18.44 20.92 43.59
CA ILE A 568 -19.67 20.23 43.96
C ILE A 568 -19.79 20.09 45.48
N GLN A 569 -20.77 20.80 46.04
CA GLN A 569 -21.01 20.85 47.49
C GLN A 569 -22.50 20.67 47.76
N GLY A 570 -23.21 21.79 47.90
CA GLY A 570 -24.66 21.78 48.06
C GLY A 570 -25.37 21.89 46.72
N GLN A 571 -24.63 21.61 45.66
CA GLN A 571 -25.12 21.65 44.30
C GLN A 571 -25.95 20.39 44.02
N GLN A 572 -27.15 20.59 43.47
CA GLN A 572 -28.06 19.49 43.19
C GLN A 572 -27.80 18.86 41.83
N LYS A 573 -27.87 17.54 41.77
CA LYS A 573 -27.69 16.78 40.55
C LYS A 573 -28.83 17.03 39.55
N LYS A 574 -28.48 17.11 38.28
CA LYS A 574 -29.45 17.31 37.21
C LYS A 574 -29.92 15.97 36.65
N PRO A 575 -31.23 15.84 36.35
CA PRO A 575 -31.81 14.66 35.71
C PRO A 575 -31.14 14.29 34.39
N PHE A 576 -31.33 13.05 33.96
CA PHE A 576 -30.63 12.52 32.79
C PHE A 576 -31.05 13.17 31.47
N GLN A 577 -32.36 13.33 31.28
CA GLN A 577 -32.89 13.95 30.05
C GLN A 577 -32.87 15.48 30.11
N GLU A 578 -31.86 16.02 30.80
CA GLU A 578 -31.71 17.46 30.97
C GLU A 578 -30.28 17.93 30.66
N HIS A 579 -29.29 17.20 31.13
CA HIS A 579 -27.88 17.49 30.80
C HIS A 579 -27.46 16.75 29.52
N TRP A 580 -26.33 17.17 28.94
CA TRP A 580 -25.87 16.61 27.67
C TRP A 580 -24.61 15.75 27.78
N ARG A 581 -24.32 15.24 28.98
CA ARG A 581 -23.21 14.31 29.17
C ARG A 581 -23.71 12.87 29.06
N LYS A 582 -24.00 12.47 27.82
CA LYS A 582 -24.51 11.14 27.52
C LYS A 582 -24.23 10.78 26.06
N HIS A 583 -24.33 9.49 25.74
CA HIS A 583 -24.07 9.02 24.39
C HIS A 583 -25.28 9.18 23.48
N THR A 584 -25.07 9.70 22.27
CA THR A 584 -26.13 9.86 21.29
C THR A 584 -26.32 8.57 20.49
N LEU A 585 -27.44 7.89 20.75
CA LEU A 585 -27.78 6.67 20.02
C LEU A 585 -28.80 6.99 18.93
N SER A 586 -28.46 6.64 17.69
CA SER A 586 -29.30 6.96 16.54
C SER A 586 -29.81 5.73 15.81
N TYR A 587 -31.11 5.73 15.53
CA TYR A 587 -31.74 4.73 14.69
C TYR A 587 -32.24 5.42 13.44
N VAL A 588 -32.47 4.64 12.38
CA VAL A 588 -33.09 5.17 11.17
C VAL A 588 -33.94 4.12 10.45
N ASP A 589 -35.22 4.44 10.28
CA ASP A 589 -36.11 3.63 9.47
C ASP A 589 -35.70 3.80 8.01
N VAL A 590 -35.36 2.68 7.39
CA VAL A 590 -34.74 2.68 6.05
C VAL A 590 -35.68 3.17 4.95
N LYS A 591 -36.98 2.89 5.09
CA LYS A 591 -37.96 3.28 4.07
C LYS A 591 -38.33 4.78 4.13
N THR A 592 -38.76 5.24 5.30
CA THR A 592 -39.17 6.64 5.47
C THR A 592 -37.97 7.60 5.45
N GLY A 593 -36.81 7.09 5.84
CA GLY A 593 -35.58 7.88 5.88
C GLY A 593 -35.55 8.89 7.01
N LYS A 594 -36.27 8.58 8.09
CA LYS A 594 -36.32 9.43 9.27
C LYS A 594 -35.41 8.88 10.35
N VAL A 595 -34.82 9.79 11.13
CA VAL A 595 -33.97 9.41 12.25
C VAL A 595 -34.68 9.71 13.58
N SER A 596 -34.92 8.65 14.35
CA SER A 596 -35.35 8.79 15.74
C SER A 596 -34.18 8.39 16.64
N LEU A 597 -33.91 9.22 17.65
CA LEU A 597 -32.72 9.04 18.47
C LEU A 597 -33.00 9.10 19.98
N GLU A 598 -32.35 8.20 20.71
CA GLU A 598 -32.37 8.20 22.18
C GLU A 598 -30.95 8.24 22.74
N TYR A 599 -30.83 8.19 24.06
CA TYR A 599 -29.53 8.40 24.73
C TYR A 599 -29.22 7.35 25.80
N ARG A 600 -27.92 7.18 26.09
CA ARG A 600 -27.48 6.26 27.13
C ARG A 600 -26.29 6.81 27.94
N PRO A 601 -26.23 6.45 29.24
CA PRO A 601 -25.21 7.03 30.12
C PRO A 601 -23.80 6.68 29.70
N VAL A 602 -22.90 7.63 29.92
CA VAL A 602 -21.46 7.39 29.78
C VAL A 602 -21.00 6.54 30.95
N ILE A 603 -19.99 5.70 30.72
CA ILE A 603 -19.38 4.96 31.81
C ILE A 603 -18.35 5.86 32.46
N ASP A 604 -18.48 6.05 33.77
CA ASP A 604 -17.58 6.92 34.53
C ASP A 604 -16.55 6.14 35.33
N LYS A 605 -16.96 4.97 35.84
CA LYS A 605 -16.10 4.10 36.62
C LYS A 605 -15.02 3.45 35.76
N THR A 606 -13.87 3.19 36.36
CA THR A 606 -12.80 2.45 35.72
C THR A 606 -13.02 0.95 35.94
N LEU A 607 -12.02 0.15 35.59
CA LEU A 607 -12.09 -1.30 35.84
C LEU A 607 -11.67 -1.63 37.28
N ASN A 608 -10.61 -0.98 37.76
CA ASN A 608 -10.17 -1.13 39.14
C ASN A 608 -9.69 0.20 39.73
N GLU A 609 -10.52 0.78 40.61
CA GLU A 609 -10.26 2.10 41.18
C GLU A 609 -8.93 2.19 41.93
N ALA A 610 -8.52 1.09 42.54
CA ALA A 610 -7.27 1.03 43.31
C ALA A 610 -6.03 1.19 42.43
N ASP A 611 -6.01 0.51 41.28
CA ASP A 611 -4.88 0.54 40.36
C ASP A 611 -4.95 1.73 39.40
N CYS A 612 -6.16 2.09 38.99
CA CYS A 612 -6.40 3.25 38.13
C CYS A 612 -7.68 3.96 38.53
N ALA A 613 -7.52 5.17 39.09
CA ALA A 613 -8.64 5.94 39.64
C ALA A 613 -9.32 6.82 38.62
N THR A 614 -10.65 6.95 38.76
CA THR A 614 -11.46 7.81 37.90
C THR A 614 -11.06 9.27 38.02
N VAL A 615 -11.04 9.97 36.88
CA VAL A 615 -10.82 11.42 36.86
C VAL A 615 -12.11 12.12 36.45
N PRO A 616 -12.81 12.75 37.42
CA PRO A 616 -14.10 13.42 37.23
C PRO A 616 -13.97 14.71 36.42
N PRO A 617 -15.05 15.13 35.74
CA PRO A 617 -15.07 16.34 34.89
C PRO A 617 -14.54 17.61 35.55
N ALA A 618 -13.93 18.47 34.74
CA ALA A 618 -13.38 19.75 35.20
C ALA A 618 -13.36 20.75 34.04
N ILE A 619 -12.88 21.96 34.30
CA ILE A 619 -12.67 22.96 33.25
C ILE A 619 -11.65 22.39 32.26
N ARG A 620 -12.03 22.33 30.99
CA ARG A 620 -11.19 21.71 29.96
C ARG A 620 -10.64 22.72 28.95
N SER A 621 -9.36 23.06 29.12
CA SER A 621 -8.63 23.93 28.20
C SER A 621 -7.13 23.68 28.32
N TYR A 622 -6.45 23.65 27.19
CA TYR A 622 -5.02 23.35 27.14
C TYR A 622 -4.16 24.61 27.09
N PRO B 9 -10.66 27.55 -21.53
CA PRO B 9 -11.17 26.19 -21.66
C PRO B 9 -10.13 25.25 -22.27
N ARG B 10 -9.23 24.72 -21.43
CA ARG B 10 -8.15 23.85 -21.86
C ARG B 10 -8.57 22.37 -21.93
N ILE B 11 -8.77 21.87 -23.14
CA ILE B 11 -9.27 20.50 -23.37
C ILE B 11 -8.13 19.51 -23.60
N LYS B 12 -8.16 18.40 -22.87
CA LYS B 12 -7.14 17.35 -22.96
C LYS B 12 -7.75 16.03 -23.44
N LYS B 13 -6.98 15.28 -24.24
CA LYS B 13 -7.41 13.99 -24.77
C LYS B 13 -6.78 12.81 -24.03
N PHE B 14 -7.61 11.85 -23.62
CA PHE B 14 -7.16 10.65 -22.92
C PHE B 14 -7.50 9.37 -23.68
N ALA B 15 -6.47 8.67 -24.14
CA ALA B 15 -6.64 7.37 -24.80
C ALA B 15 -6.48 6.26 -23.78
N ILE B 16 -7.57 5.55 -23.48
CA ILE B 16 -7.58 4.55 -22.42
C ILE B 16 -8.04 3.17 -22.90
N TYR B 17 -7.37 2.14 -22.38
CA TYR B 17 -7.67 0.73 -22.65
C TYR B 17 -9.03 0.35 -22.06
N ARG B 18 -9.84 -0.34 -22.85
CA ARG B 18 -11.19 -0.75 -22.42
C ARG B 18 -11.49 -2.20 -22.80
N TRP B 19 -12.03 -2.95 -21.83
CA TRP B 19 -12.50 -4.32 -22.07
C TRP B 19 -13.62 -4.73 -21.09
N ASP B 20 -14.72 -5.20 -21.66
CA ASP B 20 -15.88 -5.64 -20.88
C ASP B 20 -16.04 -7.17 -20.99
N PRO B 21 -15.76 -7.89 -19.89
CA PRO B 21 -15.93 -9.35 -19.83
C PRO B 21 -17.40 -9.78 -19.81
N ASP B 22 -18.29 -8.86 -19.43
CA ASP B 22 -19.72 -9.13 -19.37
C ASP B 22 -20.45 -8.79 -20.67
N LYS B 23 -19.68 -8.52 -21.72
CA LYS B 23 -20.18 -8.37 -23.07
C LYS B 23 -19.56 -9.47 -23.94
N THR B 24 -20.42 -10.23 -24.63
CA THR B 24 -19.97 -11.36 -25.44
C THR B 24 -19.24 -10.89 -26.70
N GLY B 25 -18.16 -11.58 -27.05
CA GLY B 25 -17.41 -11.31 -28.27
C GLY B 25 -16.63 -10.01 -28.26
N ASP B 26 -16.50 -9.41 -27.08
CA ASP B 26 -15.75 -8.18 -26.92
C ASP B 26 -14.27 -8.50 -26.71
N LYS B 27 -13.41 -7.77 -27.42
CA LYS B 27 -11.95 -7.88 -27.23
C LYS B 27 -11.34 -6.48 -27.01
N PRO B 28 -10.13 -6.42 -26.43
CA PRO B 28 -9.42 -5.17 -26.12
C PRO B 28 -9.53 -4.08 -27.20
N HIS B 29 -9.96 -2.89 -26.79
CA HIS B 29 -10.01 -1.72 -27.66
C HIS B 29 -9.71 -0.43 -26.91
N MET B 30 -9.63 0.68 -27.65
CA MET B 30 -9.29 1.98 -27.06
C MET B 30 -10.45 2.96 -27.14
N GLN B 31 -10.72 3.65 -26.03
CA GLN B 31 -11.76 4.68 -25.99
C GLN B 31 -11.17 6.00 -25.52
N THR B 32 -11.49 7.07 -26.26
CA THR B 32 -10.94 8.39 -25.99
C THR B 32 -11.95 9.29 -25.26
N TYR B 33 -11.44 10.05 -24.29
CA TYR B 33 -12.26 10.98 -23.51
C TYR B 33 -11.67 12.39 -23.53
N GLU B 34 -12.55 13.39 -23.42
CA GLU B 34 -12.15 14.80 -23.43
C GLU B 34 -12.49 15.49 -22.11
N ILE B 35 -11.53 16.24 -21.56
CA ILE B 35 -11.68 16.90 -20.25
C ILE B 35 -11.01 18.27 -20.16
N ASP B 36 -11.72 19.22 -19.54
CA ASP B 36 -11.17 20.55 -19.26
C ASP B 36 -10.41 20.56 -17.93
N LEU B 37 -9.18 21.07 -17.97
CA LEU B 37 -8.28 21.05 -16.81
C LEU B 37 -8.60 22.07 -15.71
N ASN B 38 -9.40 23.07 -16.04
CA ASN B 38 -9.79 24.12 -15.08
C ASN B 38 -10.66 23.60 -13.94
N ASN B 39 -11.40 22.52 -14.20
CA ASN B 39 -12.30 21.91 -13.23
C ASN B 39 -11.75 20.58 -12.70
N CYS B 40 -10.64 20.14 -13.29
CA CYS B 40 -10.03 18.87 -12.94
C CYS B 40 -8.80 19.06 -12.04
N GLY B 41 -8.56 18.06 -11.19
CA GLY B 41 -7.36 18.05 -10.35
C GLY B 41 -6.10 17.83 -11.15
N PRO B 42 -4.93 18.14 -10.56
CA PRO B 42 -3.65 18.06 -11.28
C PRO B 42 -3.29 16.65 -11.76
N MET B 43 -3.72 15.63 -11.03
CA MET B 43 -3.28 14.26 -11.27
C MET B 43 -4.14 13.49 -12.27
N VAL B 44 -3.58 12.38 -12.78
CA VAL B 44 -4.25 11.53 -13.77
C VAL B 44 -5.47 10.86 -13.17
N LEU B 45 -5.36 10.40 -11.92
CA LEU B 45 -6.47 9.77 -11.21
C LEU B 45 -7.64 10.73 -11.07
N ASP B 46 -7.34 12.00 -10.79
CA ASP B 46 -8.36 13.05 -10.72
C ASP B 46 -9.17 13.09 -12.01
N ALA B 47 -8.48 12.90 -13.15
CA ALA B 47 -9.13 12.86 -14.46
C ALA B 47 -9.85 11.54 -14.70
N LEU B 48 -9.27 10.44 -14.19
CA LEU B 48 -9.88 9.11 -14.30
C LEU B 48 -11.24 9.08 -13.61
N ILE B 49 -11.30 9.63 -12.40
CA ILE B 49 -12.54 9.70 -11.62
C ILE B 49 -13.51 10.70 -12.28
N LYS B 50 -12.97 11.80 -12.82
CA LYS B 50 -13.79 12.82 -13.46
C LYS B 50 -14.62 12.27 -14.61
N ILE B 51 -14.01 11.47 -15.47
CA ILE B 51 -14.73 10.84 -16.60
C ILE B 51 -15.58 9.65 -16.13
N LYS B 52 -15.14 9.02 -15.04
CA LYS B 52 -15.89 7.95 -14.40
C LYS B 52 -17.19 8.49 -13.82
N ASN B 53 -17.10 9.67 -13.19
CA ASN B 53 -18.25 10.32 -12.57
C ASN B 53 -19.18 11.03 -13.55
N GLU B 54 -18.61 11.70 -14.55
CA GLU B 54 -19.38 12.59 -15.42
C GLU B 54 -19.68 12.02 -16.80
N ILE B 55 -18.69 11.37 -17.41
CA ILE B 55 -18.81 10.91 -18.80
C ILE B 55 -19.25 9.44 -18.92
N ASP B 56 -18.41 8.53 -18.45
CA ASP B 56 -18.66 7.09 -18.57
C ASP B 56 -18.37 6.35 -17.28
N SER B 57 -19.41 5.81 -16.66
CA SER B 57 -19.29 5.04 -15.42
C SER B 57 -19.12 3.54 -15.66
N THR B 58 -18.55 3.19 -16.80
CA THR B 58 -18.16 1.80 -17.09
C THR B 58 -16.67 1.64 -16.78
N LEU B 59 -15.92 2.74 -16.89
CA LEU B 59 -14.49 2.74 -16.61
C LEU B 59 -14.23 2.24 -15.21
N THR B 60 -13.83 0.98 -15.11
CA THR B 60 -13.65 0.30 -13.85
C THR B 60 -12.18 0.21 -13.49
N PHE B 61 -11.79 0.86 -12.39
CA PHE B 61 -10.39 0.91 -11.97
C PHE B 61 -10.22 0.89 -10.45
N ARG B 62 -9.00 0.59 -10.00
CA ARG B 62 -8.67 0.54 -8.58
C ARG B 62 -8.16 1.89 -8.07
N ARG B 63 -8.62 2.29 -6.88
CA ARG B 63 -8.14 3.50 -6.20
C ARG B 63 -8.51 3.50 -4.72
N SER B 64 -7.79 4.29 -3.92
CA SER B 64 -8.08 4.44 -2.49
C SER B 64 -7.64 5.78 -1.91
N CYS B 65 -6.35 5.90 -1.59
CA CYS B 65 -5.83 7.05 -0.84
C CYS B 65 -5.74 8.36 -1.61
N ARG B 66 -5.55 8.24 -2.94
CA ARG B 66 -5.12 9.37 -3.79
C ARG B 66 -4.01 10.22 -3.14
N GLU B 67 -3.03 9.51 -2.59
CA GLU B 67 -1.96 10.10 -1.78
C GLU B 67 -0.60 9.53 -2.18
N GLY B 68 -0.62 8.35 -2.79
CA GLY B 68 0.59 7.68 -3.26
C GLY B 68 1.18 6.72 -2.26
N ILE B 69 0.33 6.14 -1.42
CA ILE B 69 0.77 5.17 -0.39
C ILE B 69 -0.17 3.97 -0.21
N CYS B 70 -0.77 3.51 -1.30
CA CYS B 70 -1.58 2.28 -1.29
C CYS B 70 -1.08 1.27 -2.31
N GLY B 71 -0.82 1.76 -3.53
CA GLY B 71 -0.48 0.89 -4.65
C GLY B 71 -1.73 0.34 -5.31
N SER B 72 -2.84 1.04 -5.12
CA SER B 72 -4.12 0.65 -5.70
C SER B 72 -4.20 1.08 -7.17
N CYS B 73 -3.95 2.37 -7.42
CA CYS B 73 -4.09 2.94 -8.76
C CYS B 73 -2.89 2.72 -9.69
N ALA B 74 -2.20 1.59 -9.49
CA ALA B 74 -1.00 1.27 -10.26
C ALA B 74 -1.37 0.85 -11.67
N MET B 75 -0.88 1.62 -12.64
CA MET B 75 -1.18 1.39 -14.05
C MET B 75 -0.09 1.95 -14.96
N ASN B 76 -0.10 1.54 -16.23
CA ASN B 76 0.84 2.03 -17.23
C ASN B 76 0.34 3.31 -17.90
N ILE B 77 0.85 4.45 -17.42
CA ILE B 77 0.54 5.75 -18.01
C ILE B 77 1.66 6.13 -18.97
N ASN B 78 1.30 6.39 -20.23
CA ASN B 78 2.23 6.82 -21.27
C ASN B 78 3.48 5.93 -21.41
N GLY B 79 3.27 4.62 -21.27
CA GLY B 79 4.34 3.64 -21.37
C GLY B 79 5.24 3.58 -20.14
N GLY B 80 4.71 3.96 -18.98
CA GLY B 80 5.47 3.96 -17.73
C GLY B 80 4.64 3.53 -16.53
N ASN B 81 5.08 2.46 -15.87
CA ASN B 81 4.38 1.91 -14.71
C ASN B 81 4.55 2.80 -13.48
N THR B 82 3.55 3.65 -13.22
CA THR B 82 3.54 4.50 -12.02
C THR B 82 2.15 4.58 -11.40
N LEU B 83 2.05 5.31 -10.28
CA LEU B 83 0.77 5.56 -9.63
C LEU B 83 0.05 6.71 -10.34
N ALA B 84 -1.25 6.56 -10.54
CA ALA B 84 -2.05 7.56 -11.26
C ALA B 84 -2.41 8.78 -10.40
N CYS B 85 -2.29 8.64 -9.09
CA CYS B 85 -2.58 9.73 -8.16
C CYS B 85 -1.34 10.54 -7.78
N THR B 86 -0.18 10.10 -8.27
CA THR B 86 1.08 10.79 -8.05
C THR B 86 1.52 11.49 -9.34
N ARG B 87 1.27 10.84 -10.47
CA ARG B 87 1.57 11.41 -11.78
C ARG B 87 0.59 12.52 -12.13
N ARG B 88 1.11 13.69 -12.47
CA ARG B 88 0.29 14.80 -12.93
C ARG B 88 0.18 14.80 -14.45
N ILE B 89 -1.01 15.16 -14.94
CA ILE B 89 -1.32 15.15 -16.38
C ILE B 89 -0.42 16.12 -17.14
N ASP B 90 0.03 15.67 -18.32
CA ASP B 90 0.82 16.51 -19.21
C ASP B 90 -0.04 17.65 -19.73
N THR B 91 0.17 18.85 -19.18
CA THR B 91 -0.61 20.04 -19.51
C THR B 91 -0.60 20.36 -21.01
N ASN B 92 0.39 19.82 -21.72
CA ASN B 92 0.50 19.94 -23.16
C ASN B 92 -0.69 19.27 -23.86
N LEU B 93 -1.59 20.09 -24.37
CA LEU B 93 -2.87 19.63 -24.93
C LEU B 93 -2.73 19.02 -26.33
N ASP B 94 -1.54 19.17 -26.93
CA ASP B 94 -1.26 18.62 -28.25
C ASP B 94 -1.06 17.10 -28.20
N LYS B 95 -0.51 16.62 -27.10
CA LYS B 95 -0.28 15.19 -26.91
C LYS B 95 -1.47 14.52 -26.23
N VAL B 96 -1.83 13.34 -26.75
CA VAL B 96 -2.90 12.52 -26.15
C VAL B 96 -2.28 11.50 -25.18
N SER B 97 -2.71 11.55 -23.92
CA SER B 97 -2.19 10.66 -22.89
C SER B 97 -2.73 9.24 -23.01
N LYS B 98 -1.82 8.29 -23.22
CA LYS B 98 -2.16 6.88 -23.37
C LYS B 98 -2.09 6.16 -22.02
N ILE B 99 -3.23 5.70 -21.52
CA ILE B 99 -3.31 4.98 -20.25
C ILE B 99 -3.64 3.51 -20.49
N TYR B 100 -2.79 2.63 -19.93
CA TYR B 100 -2.90 1.20 -20.12
C TYR B 100 -2.83 0.45 -18.79
N PRO B 101 -3.38 -0.80 -18.75
CA PRO B 101 -3.21 -1.64 -17.57
C PRO B 101 -1.78 -2.19 -17.47
N LEU B 102 -1.38 -2.54 -16.26
CA LEU B 102 -0.05 -3.08 -16.00
C LEU B 102 0.27 -4.22 -16.97
N PRO B 103 1.45 -4.15 -17.63
CA PRO B 103 1.83 -4.99 -18.77
C PRO B 103 1.89 -6.49 -18.48
N HIS B 104 1.60 -7.30 -19.50
CA HIS B 104 1.60 -8.77 -19.42
C HIS B 104 0.95 -9.30 -18.14
N MET B 105 -0.31 -8.90 -17.92
CA MET B 105 -1.11 -9.37 -16.80
C MET B 105 -2.53 -9.55 -17.28
N TYR B 106 -3.18 -10.62 -16.82
CA TYR B 106 -4.54 -10.95 -17.27
C TYR B 106 -5.52 -9.87 -16.86
N VAL B 107 -6.09 -9.19 -17.86
CA VAL B 107 -7.04 -8.11 -17.62
C VAL B 107 -8.41 -8.68 -17.24
N ILE B 108 -8.84 -8.37 -16.02
CA ILE B 108 -10.15 -8.78 -15.53
C ILE B 108 -11.21 -7.89 -16.19
N LYS B 109 -10.92 -6.58 -16.23
CA LYS B 109 -11.79 -5.58 -16.84
C LYS B 109 -11.14 -4.20 -16.78
N ASP B 110 -11.15 -3.49 -17.90
CA ASP B 110 -10.96 -2.02 -17.94
C ASP B 110 -9.84 -1.43 -17.09
N LEU B 111 -8.62 -1.98 -17.16
CA LEU B 111 -7.46 -1.51 -16.39
C LEU B 111 -7.24 -2.25 -15.05
N VAL B 112 -8.11 -3.20 -14.74
CA VAL B 112 -7.99 -3.98 -13.52
C VAL B 112 -7.38 -5.35 -13.81
N PRO B 113 -6.14 -5.58 -13.32
CA PRO B 113 -5.44 -6.85 -13.54
C PRO B 113 -5.54 -7.82 -12.36
N ASP B 114 -5.25 -9.09 -12.63
CA ASP B 114 -5.23 -10.14 -11.61
C ASP B 114 -3.85 -10.22 -10.95
N LEU B 115 -3.75 -9.63 -9.77
CA LEU B 115 -2.49 -9.53 -9.03
C LEU B 115 -2.28 -10.73 -8.10
N SER B 116 -3.23 -11.65 -8.09
CA SER B 116 -3.25 -12.76 -7.12
C SER B 116 -2.00 -13.64 -7.12
N ASN B 117 -1.34 -13.74 -8.28
CA ASN B 117 -0.06 -14.45 -8.35
C ASN B 117 1.07 -13.66 -7.72
N PHE B 118 1.09 -12.36 -8.00
CA PHE B 118 2.05 -11.44 -7.40
C PHE B 118 1.97 -11.48 -5.87
N TYR B 119 0.73 -11.45 -5.36
CA TYR B 119 0.48 -11.56 -3.92
C TYR B 119 0.98 -12.89 -3.37
N ALA B 120 0.69 -13.97 -4.09
CA ALA B 120 1.05 -15.33 -3.69
C ALA B 120 2.55 -15.50 -3.53
N GLN B 121 3.31 -14.80 -4.37
CA GLN B 121 4.77 -14.80 -4.29
C GLN B 121 5.26 -14.13 -3.01
N TYR B 122 4.58 -13.05 -2.62
CA TYR B 122 4.90 -12.35 -1.38
C TYR B 122 4.69 -13.26 -0.16
N LYS B 123 3.77 -14.19 -0.27
CA LYS B 123 3.53 -15.17 0.79
C LYS B 123 4.65 -16.21 0.83
N SER B 124 5.16 -16.58 -0.34
CA SER B 124 6.17 -17.64 -0.45
C SER B 124 7.53 -17.29 0.14
N ILE B 125 7.84 -15.99 0.21
CA ILE B 125 9.12 -15.52 0.77
C ILE B 125 9.06 -15.34 2.29
N GLU B 126 7.84 -15.38 2.83
CA GLU B 126 7.60 -15.29 4.29
C GLU B 126 8.08 -13.96 4.90
N PRO B 127 7.28 -12.90 4.75
CA PRO B 127 7.64 -11.56 5.20
C PRO B 127 7.20 -11.27 6.65
N TYR B 128 7.70 -12.07 7.58
CA TYR B 128 7.46 -11.86 9.00
C TYR B 128 8.73 -12.17 9.79
N LEU B 129 8.88 -11.53 10.94
CA LEU B 129 10.09 -11.71 11.76
C LEU B 129 10.14 -13.12 12.31
N LYS B 130 11.21 -13.83 11.99
CA LYS B 130 11.41 -15.20 12.45
C LYS B 130 12.55 -15.33 13.44
N LYS B 131 12.23 -15.84 14.63
CA LYS B 131 13.22 -16.04 15.68
C LYS B 131 13.39 -17.52 15.99
N LYS B 132 14.61 -17.91 16.39
CA LYS B 132 14.91 -19.28 16.80
C LYS B 132 14.22 -19.63 18.11
N ASP B 133 13.92 -18.61 18.90
CA ASP B 133 13.27 -18.76 20.20
C ASP B 133 12.06 -17.84 20.29
N GLU B 134 10.89 -18.34 19.88
CA GLU B 134 9.65 -17.55 19.93
C GLU B 134 8.93 -17.69 21.27
N SER B 135 9.63 -18.23 22.27
CA SER B 135 9.05 -18.47 23.58
C SER B 135 9.04 -17.21 24.45
N GLN B 136 10.00 -16.32 24.23
CA GLN B 136 10.14 -15.11 25.03
C GLN B 136 9.63 -13.86 24.31
N GLU B 137 8.75 -14.03 23.33
CA GLU B 137 8.24 -12.92 22.54
C GLU B 137 6.99 -12.28 23.15
N GLY B 138 6.81 -11.00 22.89
CA GLY B 138 5.64 -10.24 23.33
C GLY B 138 5.77 -9.58 24.69
N LYS B 139 6.91 -9.76 25.34
CA LYS B 139 7.13 -9.19 26.68
C LYS B 139 8.13 -8.04 26.74
N GLN B 140 9.21 -8.12 25.98
CA GLN B 140 10.17 -7.02 25.90
C GLN B 140 10.62 -6.70 24.47
N GLN B 141 10.64 -5.40 24.15
CA GLN B 141 11.04 -4.92 22.83
C GLN B 141 12.45 -5.37 22.45
N TYR B 142 12.62 -5.81 21.21
CA TYR B 142 13.93 -6.18 20.70
C TYR B 142 14.76 -4.93 20.45
N LEU B 143 16.00 -4.96 20.94
CA LEU B 143 16.92 -3.85 20.74
C LEU B 143 17.43 -3.83 19.30
N GLN B 144 17.47 -2.63 18.73
CA GLN B 144 18.04 -2.39 17.40
C GLN B 144 18.63 -0.98 17.38
N SER B 145 19.94 -0.89 17.10
CA SER B 145 20.64 0.39 17.08
C SER B 145 20.31 1.17 15.80
N ILE B 146 20.44 2.49 15.87
CA ILE B 146 20.06 3.38 14.77
C ILE B 146 20.79 3.04 13.45
N GLU B 147 21.97 2.44 13.56
CA GLU B 147 22.73 1.96 12.41
C GLU B 147 22.08 0.73 11.79
N GLU B 148 21.69 -0.22 12.64
CA GLU B 148 21.01 -1.45 12.20
C GLU B 148 19.66 -1.14 11.58
N ARG B 149 19.06 -0.02 12.01
CA ARG B 149 17.77 0.44 11.51
C ARG B 149 17.93 1.16 10.16
N GLU B 150 19.03 1.89 9.99
CA GLU B 150 19.34 2.61 8.75
C GLU B 150 19.32 1.70 7.53
N LYS B 151 19.67 0.43 7.74
CA LYS B 151 19.76 -0.56 6.68
C LYS B 151 18.42 -0.86 6.01
N LEU B 152 17.34 -0.60 6.74
CA LEU B 152 15.98 -0.89 6.26
C LEU B 152 15.38 0.28 5.48
N ASP B 153 16.00 1.45 5.59
CA ASP B 153 15.54 2.64 4.86
C ASP B 153 15.69 2.43 3.35
N GLY B 154 14.60 2.72 2.63
CA GLY B 154 14.55 2.51 1.19
C GLY B 154 14.07 1.12 0.82
N LEU B 155 13.68 0.33 1.82
CA LEU B 155 13.21 -1.04 1.62
C LEU B 155 11.81 -1.25 2.19
N TYR B 156 11.59 -0.78 3.42
CA TYR B 156 10.31 -0.97 4.12
C TYR B 156 9.17 -0.17 3.49
N GLU B 157 9.53 0.86 2.71
CA GLU B 157 8.56 1.79 2.12
C GLU B 157 7.76 1.15 0.99
N CYS B 158 8.29 0.08 0.41
CA CYS B 158 7.62 -0.64 -0.68
C CYS B 158 6.15 -0.83 -0.37
N ILE B 159 5.31 -0.23 -1.21
CA ILE B 159 3.89 -0.20 -0.97
C ILE B 159 3.19 -1.35 -1.74
N LEU B 160 3.97 -2.14 -2.44
CA LEU B 160 3.49 -3.27 -3.27
C LEU B 160 2.49 -2.84 -4.35
N CYS B 161 2.87 -1.81 -5.09
CA CYS B 161 2.06 -1.30 -6.21
C CYS B 161 2.09 -2.29 -7.37
N ALA B 162 3.21 -3.01 -7.48
CA ALA B 162 3.46 -3.97 -8.54
C ALA B 162 3.65 -3.32 -9.92
N CYS B 163 3.95 -2.02 -9.91
CA CYS B 163 4.44 -1.33 -11.11
C CYS B 163 5.78 -1.95 -11.46
N CYS B 164 6.59 -2.14 -10.42
CA CYS B 164 7.92 -2.71 -10.47
C CYS B 164 7.99 -4.04 -11.22
N SER B 165 7.52 -5.10 -10.55
CA SER B 165 7.64 -6.46 -11.07
C SER B 165 7.16 -6.60 -12.50
N THR B 166 6.07 -5.90 -12.83
CA THR B 166 5.47 -6.00 -14.16
C THR B 166 6.02 -4.98 -15.18
N SER B 167 7.11 -4.32 -14.80
CA SER B 167 7.90 -3.51 -15.74
C SER B 167 9.19 -4.25 -16.08
N CYS B 168 9.42 -5.38 -15.40
CA CYS B 168 10.54 -6.26 -15.70
C CYS B 168 10.14 -7.20 -16.82
N PRO B 169 10.85 -7.12 -17.97
CA PRO B 169 10.63 -8.04 -19.09
C PRO B 169 10.77 -9.50 -18.65
N SER B 170 11.80 -9.78 -17.83
CA SER B 170 12.03 -11.11 -17.30
C SER B 170 10.83 -11.65 -16.51
N TYR B 171 10.03 -10.75 -15.96
CA TYR B 171 8.81 -11.14 -15.24
C TYR B 171 7.64 -11.45 -16.19
N TRP B 172 7.64 -10.85 -17.38
CA TRP B 172 6.63 -11.17 -18.39
C TRP B 172 6.87 -12.57 -18.93
N TRP B 173 8.15 -12.89 -19.16
CA TRP B 173 8.54 -14.17 -19.76
C TRP B 173 8.62 -15.31 -18.74
N ASN B 174 8.73 -14.97 -17.47
CA ASN B 174 8.84 -15.98 -16.42
C ASN B 174 7.94 -15.68 -15.21
N GLY B 175 6.72 -15.24 -15.50
CA GLY B 175 5.75 -14.84 -14.48
C GLY B 175 5.49 -15.81 -13.35
N ASP B 176 5.51 -17.11 -13.67
CA ASP B 176 5.21 -18.17 -12.71
C ASP B 176 6.35 -18.48 -11.75
N LYS B 177 7.56 -18.62 -12.29
CA LYS B 177 8.69 -19.17 -11.54
C LYS B 177 9.67 -18.12 -11.04
N TYR B 178 9.70 -16.97 -11.72
CA TYR B 178 10.51 -15.84 -11.28
C TYR B 178 9.68 -14.92 -10.39
N LEU B 179 10.21 -14.61 -9.21
CA LEU B 179 9.46 -13.90 -8.18
C LEU B 179 9.15 -12.44 -8.51
N GLY B 180 10.06 -11.79 -9.24
CA GLY B 180 9.89 -10.38 -9.57
C GLY B 180 10.43 -9.47 -8.49
N PRO B 181 11.04 -8.34 -8.91
CA PRO B 181 11.82 -7.42 -8.07
C PRO B 181 11.10 -6.92 -6.81
N ALA B 182 9.82 -6.59 -6.93
CA ALA B 182 9.03 -6.11 -5.78
C ALA B 182 9.03 -7.12 -4.64
N VAL B 183 8.72 -8.37 -4.98
CA VAL B 183 8.71 -9.48 -4.03
C VAL B 183 10.12 -9.77 -3.51
N LEU B 184 11.10 -9.68 -4.41
CA LEU B 184 12.50 -9.96 -4.10
C LEU B 184 13.11 -8.97 -3.12
N MET B 185 12.79 -7.69 -3.30
CA MET B 185 13.32 -6.62 -2.45
C MET B 185 12.97 -6.86 -0.98
N GLN B 186 11.75 -7.33 -0.74
CA GLN B 186 11.27 -7.57 0.62
C GLN B 186 11.95 -8.78 1.26
N ALA B 187 12.24 -9.80 0.46
CA ALA B 187 13.01 -10.95 0.94
C ALA B 187 14.37 -10.49 1.45
N TYR B 188 14.95 -9.50 0.78
CA TYR B 188 16.18 -8.85 1.23
C TYR B 188 15.94 -8.02 2.48
N ARG B 189 14.85 -7.25 2.48
CA ARG B 189 14.46 -6.43 3.63
C ARG B 189 14.48 -7.24 4.93
N TRP B 190 14.01 -8.49 4.86
CA TRP B 190 13.95 -9.38 6.02
C TRP B 190 15.26 -10.10 6.30
N MET B 191 16.23 -9.96 5.40
CA MET B 191 17.55 -10.53 5.61
C MET B 191 18.41 -9.62 6.49
N ILE B 192 18.58 -8.36 6.08
CA ILE B 192 19.43 -7.41 6.80
C ILE B 192 18.81 -6.85 8.08
N ASP B 193 17.55 -7.22 8.35
CA ASP B 193 16.93 -6.88 9.62
C ASP B 193 17.67 -7.63 10.72
N SER B 194 18.42 -6.88 11.53
CA SER B 194 19.29 -7.44 12.57
C SER B 194 18.55 -8.36 13.55
N ARG B 195 17.24 -8.20 13.62
CA ARG B 195 16.39 -9.00 14.50
C ARG B 195 16.17 -10.41 13.96
N ASP B 196 15.99 -10.53 12.64
CA ASP B 196 15.67 -11.80 12.00
C ASP B 196 16.81 -12.82 12.08
N ASP B 197 16.47 -14.02 12.57
CA ASP B 197 17.45 -15.08 12.79
C ASP B 197 17.54 -16.05 11.61
N PHE B 198 16.58 -15.96 10.69
CA PHE B 198 16.43 -16.95 9.62
C PHE B 198 17.04 -16.53 8.28
N THR B 199 18.05 -15.66 8.33
CA THR B 199 18.69 -15.10 7.14
C THR B 199 19.27 -16.16 6.19
N GLU B 200 19.88 -17.21 6.75
CA GLU B 200 20.51 -18.26 5.94
C GLU B 200 19.50 -19.11 5.16
N GLU B 201 18.44 -19.56 5.85
CA GLU B 201 17.39 -20.38 5.20
C GLU B 201 16.53 -19.57 4.23
N ARG B 202 16.52 -18.25 4.40
CA ARG B 202 15.87 -17.34 3.47
C ARG B 202 16.65 -17.25 2.16
N LEU B 203 17.98 -17.36 2.27
CA LEU B 203 18.86 -17.38 1.10
C LEU B 203 18.83 -18.77 0.44
N ALA B 204 18.69 -19.80 1.27
CA ALA B 204 18.60 -21.18 0.79
C ALA B 204 17.26 -21.44 0.07
N LYS B 205 16.31 -20.52 0.24
CA LYS B 205 15.00 -20.60 -0.41
C LYS B 205 15.08 -20.20 -1.88
N LEU B 206 16.18 -19.56 -2.26
CA LEU B 206 16.37 -19.01 -3.60
C LEU B 206 17.34 -19.84 -4.44
N GLN B 207 17.52 -21.11 -4.06
CA GLN B 207 18.56 -21.96 -4.65
C GLN B 207 18.12 -22.74 -5.89
N ASP B 208 17.29 -22.11 -6.72
CA ASP B 208 16.94 -22.64 -8.02
C ASP B 208 17.25 -21.59 -9.09
N PRO B 209 17.29 -21.99 -10.37
CA PRO B 209 17.61 -21.04 -11.44
C PRO B 209 16.56 -19.94 -11.68
N PHE B 210 15.35 -20.11 -11.15
CA PHE B 210 14.24 -19.19 -11.45
C PHE B 210 13.95 -18.16 -10.36
N SER B 211 14.01 -18.57 -9.10
CA SER B 211 13.58 -17.74 -7.97
C SER B 211 14.11 -16.30 -8.00
N LEU B 212 15.42 -16.15 -7.96
CA LEU B 212 16.04 -14.83 -8.05
C LEU B 212 16.86 -14.69 -9.34
N TYR B 213 17.33 -15.82 -9.87
CA TYR B 213 18.37 -15.83 -10.90
C TYR B 213 17.91 -15.56 -12.33
N ARG B 214 16.65 -15.16 -12.50
CA ARG B 214 16.20 -14.64 -13.78
C ARG B 214 16.46 -13.14 -13.90
N CYS B 215 17.14 -12.59 -12.91
CA CYS B 215 17.63 -11.22 -12.97
C CYS B 215 18.88 -11.17 -13.83
N HIS B 216 18.89 -10.23 -14.78
CA HIS B 216 20.06 -9.99 -15.62
C HIS B 216 20.36 -8.50 -15.60
N THR B 217 20.05 -7.87 -14.47
CA THR B 217 20.27 -6.44 -14.24
C THR B 217 19.79 -5.56 -15.40
N ILE B 218 18.56 -5.83 -15.87
CA ILE B 218 17.91 -5.02 -16.90
C ILE B 218 17.68 -3.61 -16.36
N MET B 219 17.37 -3.54 -15.07
CA MET B 219 17.24 -2.28 -14.33
C MET B 219 16.06 -1.42 -14.78
N ASN B 220 15.08 -2.05 -15.41
CA ASN B 220 13.88 -1.35 -15.85
C ASN B 220 12.85 -1.23 -14.73
N CYS B 221 13.05 -1.99 -13.65
CA CYS B 221 12.20 -1.91 -12.47
C CYS B 221 12.43 -0.61 -11.70
N THR B 222 13.67 -0.38 -11.28
CA THR B 222 14.06 0.90 -10.69
C THR B 222 13.98 1.96 -11.78
N GLY B 223 13.37 3.10 -11.45
CA GLY B 223 13.18 4.15 -12.42
C GLY B 223 11.74 4.23 -12.86
N THR B 224 11.04 3.09 -12.80
CA THR B 224 9.59 3.09 -12.97
C THR B 224 8.92 3.17 -11.59
N CYS B 225 9.68 2.87 -10.55
CA CYS B 225 9.16 2.88 -9.18
C CYS B 225 8.56 4.23 -8.82
N PRO B 226 7.29 4.22 -8.36
CA PRO B 226 6.61 5.47 -8.04
C PRO B 226 7.06 6.07 -6.70
N LYS B 227 7.89 5.32 -5.96
CA LYS B 227 8.37 5.77 -4.66
C LYS B 227 9.87 6.08 -4.66
N GLY B 228 10.49 6.01 -5.84
CA GLY B 228 11.92 6.29 -5.99
C GLY B 228 12.84 5.26 -5.35
N LEU B 229 12.29 4.09 -5.05
CA LEU B 229 13.05 3.00 -4.44
C LEU B 229 13.89 2.28 -5.48
N ASN B 230 14.88 1.52 -5.02
CA ASN B 230 15.81 0.83 -5.90
C ASN B 230 15.80 -0.69 -5.68
N PRO B 231 14.78 -1.40 -6.21
CA PRO B 231 14.77 -2.85 -6.07
C PRO B 231 16.00 -3.49 -6.69
N GLY B 232 16.32 -3.11 -7.92
CA GLY B 232 17.49 -3.64 -8.63
C GLY B 232 18.73 -3.73 -7.76
N LYS B 233 19.04 -2.64 -7.06
CA LYS B 233 20.19 -2.57 -6.15
C LYS B 233 20.16 -3.67 -5.09
N ALA B 234 18.98 -3.89 -4.51
CA ALA B 234 18.78 -4.89 -3.48
C ALA B 234 18.90 -6.32 -4.02
N ILE B 235 18.44 -6.53 -5.27
CA ILE B 235 18.57 -7.84 -5.91
C ILE B 235 20.03 -8.23 -6.08
N ALA B 236 20.84 -7.28 -6.56
CA ALA B 236 22.28 -7.49 -6.72
C ALA B 236 22.97 -7.76 -5.38
N GLU B 237 22.42 -7.17 -4.32
CA GLU B 237 22.95 -7.35 -2.98
C GLU B 237 22.62 -8.74 -2.46
N ILE B 238 21.47 -9.27 -2.86
CA ILE B 238 21.08 -10.66 -2.55
C ILE B 238 22.10 -11.62 -3.17
N LYS B 239 22.39 -11.40 -4.45
CA LYS B 239 23.31 -12.23 -5.22
C LYS B 239 24.68 -12.34 -4.57
N LYS B 240 25.17 -11.22 -4.03
CA LYS B 240 26.46 -11.20 -3.33
C LYS B 240 26.44 -12.11 -2.10
N MET B 241 25.39 -11.97 -1.30
CA MET B 241 25.19 -12.79 -0.10
C MET B 241 25.13 -14.27 -0.45
N MET B 242 24.52 -14.57 -1.60
CA MET B 242 24.31 -15.95 -2.08
C MET B 242 25.59 -16.74 -2.33
N ALA B 243 26.69 -16.03 -2.61
CA ALA B 243 27.98 -16.67 -2.81
C ALA B 243 28.86 -16.58 -1.58
N THR B 244 28.71 -15.49 -0.83
CA THR B 244 29.57 -15.21 0.33
C THR B 244 28.99 -15.71 1.67
N TYR B 245 27.92 -16.51 1.61
CA TYR B 245 27.38 -17.14 2.81
C TYR B 245 27.79 -18.62 2.89
N LYS B 246 28.25 -19.05 4.06
CA LYS B 246 28.83 -20.39 4.23
C LYS B 246 27.81 -21.43 4.71
N GLU B 247 28.22 -22.70 4.69
CA GLU B 247 27.35 -23.84 4.99
C GLU B 247 26.23 -24.00 3.96
N THR C 3 -5.33 -22.52 2.89
CA THR C 3 -4.69 -22.07 1.61
C THR C 3 -3.21 -21.68 1.79
N THR C 4 -2.33 -22.40 1.10
CA THR C 4 -0.89 -22.14 1.17
C THR C 4 -0.44 -21.17 0.07
N ALA C 5 0.85 -20.82 0.07
CA ALA C 5 1.41 -19.94 -0.94
C ALA C 5 1.48 -20.63 -2.30
N LYS C 6 1.87 -21.91 -2.28
CA LYS C 6 1.98 -22.74 -3.48
C LYS C 6 0.60 -23.06 -4.07
N GLU C 7 -0.41 -23.17 -3.21
CA GLU C 7 -1.78 -23.44 -3.62
C GLU C 7 -2.40 -22.28 -4.40
N GLU C 8 -2.10 -21.06 -3.96
CA GLU C 8 -2.67 -19.85 -4.56
C GLU C 8 -2.25 -19.66 -6.02
N MET C 9 -0.99 -20.00 -6.31
CA MET C 9 -0.44 -19.87 -7.65
C MET C 9 -1.07 -20.85 -8.62
N GLU C 10 -1.24 -22.10 -8.16
CA GLU C 10 -1.79 -23.18 -8.99
C GLU C 10 -3.23 -22.87 -9.39
N ARG C 11 -3.98 -22.26 -8.48
CA ARG C 11 -5.37 -21.87 -8.73
C ARG C 11 -5.46 -20.59 -9.55
N PHE C 12 -4.41 -19.77 -9.49
CA PHE C 12 -4.31 -18.56 -10.31
C PHE C 12 -4.28 -18.90 -11.79
N TRP C 13 -3.43 -19.86 -12.15
CA TRP C 13 -3.26 -20.26 -13.55
C TRP C 13 -4.47 -21.01 -14.11
N ASN C 14 -5.19 -21.70 -13.23
CA ASN C 14 -6.37 -22.47 -13.62
C ASN C 14 -7.56 -21.61 -14.07
N LYS C 15 -7.86 -20.56 -13.31
CA LYS C 15 -8.98 -19.66 -13.63
C LYS C 15 -8.70 -18.80 -14.87
N ASN C 16 -7.45 -18.35 -15.01
CA ASN C 16 -7.09 -17.42 -16.08
C ASN C 16 -6.91 -18.06 -17.45
N LEU C 17 -6.27 -19.23 -17.50
CA LEU C 17 -6.03 -19.93 -18.75
C LEU C 17 -7.32 -20.55 -19.31
N GLY C 18 -8.24 -20.89 -18.42
CA GLY C 18 -9.56 -21.40 -18.81
C GLY C 18 -10.61 -20.33 -18.87
N SER C 19 -10.24 -19.16 -19.38
CA SER C 19 -11.15 -18.01 -19.49
C SER C 19 -10.90 -17.22 -20.77
N ASN C 20 -11.67 -16.15 -20.95
CA ASN C 20 -11.53 -15.25 -22.09
C ASN C 20 -10.78 -13.96 -21.74
N ARG C 21 -10.05 -13.99 -20.62
CA ARG C 21 -9.26 -12.84 -20.17
C ARG C 21 -8.04 -12.63 -21.07
N PRO C 22 -7.85 -11.39 -21.59
CA PRO C 22 -6.72 -11.10 -22.47
C PRO C 22 -5.45 -10.72 -21.70
N LEU C 23 -4.30 -10.88 -22.33
CA LEU C 23 -3.04 -10.38 -21.78
C LEU C 23 -2.91 -8.89 -22.08
N SER C 24 -2.70 -8.10 -21.03
CA SER C 24 -2.48 -6.67 -21.19
C SER C 24 -1.24 -6.43 -22.05
N PRO C 25 -1.33 -5.51 -23.03
CA PRO C 25 -0.22 -5.20 -23.93
C PRO C 25 1.07 -4.88 -23.17
N HIS C 26 2.17 -5.52 -23.57
CA HIS C 26 3.46 -5.36 -22.90
C HIS C 26 4.47 -4.62 -23.77
N ILE C 27 5.02 -5.32 -24.76
CA ILE C 27 5.99 -4.74 -25.68
C ILE C 27 5.33 -3.78 -26.66
N THR C 28 4.04 -4.00 -26.91
CA THR C 28 3.23 -3.20 -27.83
C THR C 28 3.15 -1.72 -27.43
N ILE C 29 3.24 -1.45 -26.13
CA ILE C 29 2.95 -0.10 -25.60
C ILE C 29 4.05 0.53 -24.75
N TYR C 30 4.90 -0.30 -24.14
CA TYR C 30 5.88 0.19 -23.16
C TYR C 30 6.94 1.11 -23.78
N ARG C 31 7.39 2.09 -22.99
CA ARG C 31 8.38 3.08 -23.43
C ARG C 31 9.79 2.51 -23.54
N TRP C 32 10.56 3.07 -24.47
CA TRP C 32 11.94 2.67 -24.71
C TRP C 32 12.93 3.44 -23.85
N SER C 33 13.88 2.73 -23.27
CA SER C 33 14.95 3.34 -22.49
C SER C 33 16.31 2.82 -22.94
N LEU C 34 17.31 3.69 -22.88
CA LEU C 34 18.68 3.33 -23.28
C LEU C 34 19.25 2.11 -22.54
N PRO C 35 19.09 2.06 -21.19
CA PRO C 35 19.58 0.88 -20.45
C PRO C 35 18.95 -0.43 -20.92
N MET C 36 17.66 -0.38 -21.27
CA MET C 36 16.93 -1.57 -21.72
C MET C 36 17.25 -1.91 -23.17
N ALA C 37 17.51 -0.89 -23.98
CA ALA C 37 17.98 -1.10 -25.34
C ALA C 37 19.38 -1.71 -25.32
N MET C 38 20.19 -1.29 -24.35
CA MET C 38 21.55 -1.81 -24.16
C MET C 38 21.56 -3.21 -23.56
N SER C 39 20.43 -3.62 -22.99
CA SER C 39 20.24 -4.98 -22.50
C SER C 39 19.97 -5.92 -23.66
N ILE C 40 19.06 -5.52 -24.54
CA ILE C 40 18.72 -6.27 -25.75
C ILE C 40 19.96 -6.48 -26.62
N CYS C 41 20.73 -5.41 -26.80
CA CYS C 41 21.95 -5.44 -27.61
C CYS C 41 23.00 -6.38 -27.05
N HIS C 42 23.08 -6.48 -25.72
CA HIS C 42 24.04 -7.38 -25.08
C HIS C 42 23.70 -8.83 -25.38
N ARG C 43 22.40 -9.14 -25.37
CA ARG C 43 21.90 -10.45 -25.77
C ARG C 43 22.12 -10.71 -27.26
N GLY C 44 21.81 -9.70 -28.07
CA GLY C 44 21.99 -9.78 -29.52
C GLY C 44 23.42 -10.06 -29.91
N THR C 45 24.35 -9.31 -29.32
CA THR C 45 25.79 -9.47 -29.56
C THR C 45 26.32 -10.76 -28.97
N GLY C 46 25.78 -11.17 -27.82
CA GLY C 46 26.16 -12.43 -27.17
C GLY C 46 25.82 -13.64 -28.01
N ILE C 47 24.62 -13.65 -28.57
CA ILE C 47 24.16 -14.73 -29.45
C ILE C 47 24.96 -14.75 -30.74
N ALA C 48 25.12 -13.60 -31.39
CA ALA C 48 25.84 -13.48 -32.66
C ALA C 48 27.30 -13.93 -32.55
N LEU C 49 27.95 -13.54 -31.45
CA LEU C 49 29.34 -13.91 -31.20
C LEU C 49 29.52 -15.41 -31.02
N SER C 50 28.69 -16.01 -30.18
CA SER C 50 28.70 -17.45 -29.94
C SER C 50 28.42 -18.23 -31.22
N ALA C 51 27.60 -17.66 -32.09
CA ALA C 51 27.30 -18.24 -33.41
C ALA C 51 28.53 -18.19 -34.32
N GLY C 52 29.35 -17.16 -34.14
CA GLY C 52 30.59 -17.01 -34.90
C GLY C 52 31.65 -18.01 -34.49
N VAL C 53 31.82 -18.15 -33.16
CA VAL C 53 32.79 -19.09 -32.59
C VAL C 53 32.42 -20.55 -32.92
N SER C 54 31.13 -20.86 -32.84
CA SER C 54 30.62 -22.19 -33.18
C SER C 54 30.84 -22.50 -34.65
N LEU C 55 30.49 -21.55 -35.53
CA LEU C 55 30.69 -21.69 -36.97
C LEU C 55 32.16 -21.81 -37.32
N PHE C 56 33.03 -21.28 -36.47
CA PHE C 56 34.47 -21.36 -36.66
C PHE C 56 35.02 -22.71 -36.22
N GLY C 57 34.53 -23.21 -35.09
CA GLY C 57 34.96 -24.49 -34.55
C GLY C 57 34.42 -25.69 -35.30
N LEU C 58 33.16 -25.59 -35.73
CA LEU C 58 32.50 -26.68 -36.45
C LEU C 58 33.05 -26.86 -37.87
N SER C 59 33.31 -25.75 -38.56
CA SER C 59 33.87 -25.79 -39.91
C SER C 59 35.31 -26.29 -39.91
N ALA C 60 35.97 -26.24 -38.75
CA ALA C 60 37.31 -26.81 -38.58
C ALA C 60 37.27 -28.33 -38.57
N LEU C 61 36.10 -28.89 -38.23
CA LEU C 61 35.89 -30.34 -38.23
C LEU C 61 35.21 -30.82 -39.51
N LEU C 62 34.31 -30.00 -40.03
CA LEU C 62 33.43 -30.41 -41.13
C LEU C 62 33.94 -30.04 -42.53
N LEU C 63 34.56 -28.87 -42.66
CA LEU C 63 35.02 -28.38 -43.96
C LEU C 63 36.50 -28.69 -44.22
N PRO C 64 36.80 -29.27 -45.40
CA PRO C 64 38.14 -29.69 -45.77
C PRO C 64 39.09 -28.53 -46.09
N GLY C 65 40.38 -28.77 -45.92
CA GLY C 65 41.41 -27.76 -46.18
C GLY C 65 42.00 -27.18 -44.90
N ASN C 66 43.14 -26.51 -45.01
CA ASN C 66 43.75 -25.83 -43.87
C ASN C 66 43.49 -24.33 -43.90
N PHE C 67 43.81 -23.64 -42.81
CA PHE C 67 43.50 -22.22 -42.64
C PHE C 67 44.18 -21.32 -43.68
N GLU C 68 45.41 -21.64 -44.05
CA GLU C 68 46.15 -20.85 -45.06
C GLU C 68 45.49 -20.90 -46.43
N SER C 69 44.94 -22.06 -46.79
CA SER C 69 44.23 -22.23 -48.06
C SER C 69 42.87 -21.54 -48.05
N HIS C 70 42.28 -21.41 -46.87
CA HIS C 70 41.00 -20.72 -46.71
C HIS C 70 41.15 -19.20 -46.84
N LEU C 71 42.33 -18.68 -46.51
CA LEU C 71 42.62 -17.25 -46.63
C LEU C 71 42.92 -16.84 -48.08
N GLU C 72 43.70 -17.67 -48.78
CA GLU C 72 43.99 -17.45 -50.20
C GLU C 72 42.72 -17.53 -51.03
N LEU C 73 41.67 -18.11 -50.44
CA LEU C 73 40.36 -18.19 -51.06
C LEU C 73 39.62 -16.85 -50.93
N VAL C 74 39.93 -16.10 -49.88
CA VAL C 74 39.35 -14.77 -49.66
C VAL C 74 40.20 -13.68 -50.31
N LYS C 75 41.52 -13.90 -50.36
CA LYS C 75 42.45 -12.98 -51.02
C LYS C 75 42.09 -12.80 -52.49
N SER C 76 41.73 -13.90 -53.14
CA SER C 76 41.25 -13.88 -54.52
C SER C 76 39.74 -13.64 -54.55
N LEU C 77 39.34 -12.40 -54.24
CA LEU C 77 37.94 -12.01 -54.21
C LEU C 77 37.80 -10.53 -54.56
N CYS C 78 38.87 -9.97 -55.11
CA CYS C 78 38.99 -8.54 -55.46
C CYS C 78 38.31 -7.59 -54.45
N LEU C 79 38.97 -7.40 -53.31
CA LEU C 79 38.46 -6.57 -52.24
C LEU C 79 39.33 -5.34 -52.02
N GLY C 80 38.67 -4.17 -51.98
CA GLY C 80 39.35 -2.90 -51.73
C GLY C 80 39.47 -2.60 -50.24
N PRO C 81 40.48 -1.80 -49.85
CA PRO C 81 40.75 -1.43 -48.46
C PRO C 81 39.51 -0.96 -47.68
N THR C 82 38.66 -0.15 -48.32
CA THR C 82 37.45 0.39 -47.69
C THR C 82 36.41 -0.71 -47.45
N LEU C 83 36.35 -1.68 -48.35
CA LEU C 83 35.40 -2.79 -48.24
C LEU C 83 35.87 -3.89 -47.29
N ILE C 84 37.19 -4.10 -47.22
CA ILE C 84 37.77 -5.05 -46.27
C ILE C 84 37.76 -4.48 -44.85
N TYR C 85 37.71 -3.15 -44.77
CA TYR C 85 37.57 -2.43 -43.50
C TYR C 85 36.14 -2.58 -42.95
N THR C 86 35.17 -2.65 -43.86
CA THR C 86 33.75 -2.80 -43.50
C THR C 86 33.48 -4.18 -42.88
N ALA C 87 34.07 -5.22 -43.47
CA ALA C 87 33.98 -6.57 -42.93
C ALA C 87 34.77 -6.70 -41.62
N LYS C 88 35.85 -5.92 -41.52
CA LYS C 88 36.70 -5.88 -40.34
C LYS C 88 36.02 -5.17 -39.19
N PHE C 89 35.25 -4.14 -39.53
CA PHE C 89 34.50 -3.33 -38.56
C PHE C 89 33.33 -4.13 -37.96
N GLY C 90 32.54 -4.76 -38.85
CA GLY C 90 31.37 -5.54 -38.44
C GLY C 90 31.68 -6.81 -37.65
N ILE C 91 32.96 -7.03 -37.38
CA ILE C 91 33.40 -8.13 -36.52
C ILE C 91 33.76 -7.59 -35.13
N VAL C 92 34.53 -6.51 -35.07
CA VAL C 92 34.90 -5.88 -33.79
C VAL C 92 33.75 -5.10 -33.16
N PHE C 93 32.87 -4.54 -33.99
CA PHE C 93 31.75 -3.71 -33.51
C PHE C 93 30.85 -4.44 -32.50
N PRO C 94 30.38 -5.67 -32.82
CA PRO C 94 29.62 -6.41 -31.82
C PRO C 94 30.49 -6.91 -30.67
N LEU C 95 31.75 -7.24 -30.95
CA LEU C 95 32.68 -7.79 -29.96
C LEU C 95 33.02 -6.76 -28.89
N MET C 96 33.37 -5.55 -29.33
CA MET C 96 33.77 -4.47 -28.43
C MET C 96 32.61 -3.98 -27.57
N TYR C 97 31.42 -3.92 -28.17
CA TYR C 97 30.21 -3.59 -27.43
C TYR C 97 30.05 -4.52 -26.23
N HIS C 98 30.01 -5.83 -26.52
CA HIS C 98 29.83 -6.87 -25.51
C HIS C 98 30.96 -6.91 -24.48
N THR C 99 32.17 -6.57 -24.91
CA THR C 99 33.34 -6.56 -24.01
C THR C 99 33.24 -5.40 -23.01
N TRP C 100 32.97 -4.20 -23.51
CA TRP C 100 32.86 -3.02 -22.66
C TRP C 100 31.63 -3.09 -21.75
N ASN C 101 30.47 -3.36 -22.35
CA ASN C 101 29.23 -3.54 -21.59
C ASN C 101 29.34 -4.71 -20.61
N GLY C 102 30.18 -5.69 -20.96
CA GLY C 102 30.48 -6.82 -20.09
C GLY C 102 31.08 -6.40 -18.76
N ILE C 103 31.99 -5.42 -18.81
CA ILE C 103 32.55 -4.82 -17.60
C ILE C 103 31.47 -4.08 -16.82
N ARG C 104 30.59 -3.39 -17.54
CA ARG C 104 29.45 -2.66 -16.95
C ARG C 104 28.53 -3.61 -16.18
N HIS C 105 28.31 -4.79 -16.74
CA HIS C 105 27.57 -5.85 -16.06
C HIS C 105 28.35 -6.39 -14.85
N LEU C 106 29.67 -6.50 -15.00
CA LEU C 106 30.51 -7.00 -13.91
C LEU C 106 30.70 -5.99 -12.78
N ILE C 107 30.68 -4.70 -13.11
CA ILE C 107 30.70 -3.64 -12.09
C ILE C 107 29.38 -3.66 -11.33
N TRP C 108 28.28 -3.92 -12.05
CA TRP C 108 26.96 -4.04 -11.45
C TRP C 108 26.87 -5.19 -10.44
N ASP C 109 27.48 -6.33 -10.78
CA ASP C 109 27.44 -7.52 -9.93
C ASP C 109 28.17 -7.34 -8.61
N LEU C 110 29.15 -6.43 -8.59
CA LEU C 110 29.82 -6.03 -7.35
C LEU C 110 28.93 -5.11 -6.51
N GLY C 111 27.94 -4.50 -7.16
CA GLY C 111 26.96 -3.64 -6.47
C GLY C 111 27.10 -2.17 -6.76
N LYS C 112 28.24 -1.79 -7.35
CA LYS C 112 28.57 -0.38 -7.60
C LYS C 112 27.84 0.16 -8.84
N GLY C 113 27.45 1.43 -8.76
CA GLY C 113 26.86 2.15 -9.88
C GLY C 113 25.54 1.62 -10.39
N LEU C 114 24.58 1.47 -9.48
CA LEU C 114 23.28 0.89 -9.83
C LEU C 114 22.12 1.90 -9.83
N THR C 115 22.42 3.18 -9.61
CA THR C 115 21.39 4.23 -9.67
C THR C 115 21.18 4.71 -11.10
N ILE C 116 19.98 5.24 -11.36
CA ILE C 116 19.57 5.69 -12.70
C ILE C 116 20.58 6.66 -13.37
N PRO C 117 21.10 7.67 -12.62
CA PRO C 117 22.14 8.51 -13.21
C PRO C 117 23.34 7.69 -13.70
N GLN C 118 23.92 6.88 -12.83
CA GLN C 118 25.11 6.08 -13.14
C GLN C 118 24.84 5.02 -14.21
N LEU C 119 23.57 4.69 -14.40
CA LEU C 119 23.14 3.72 -15.40
C LEU C 119 23.17 4.33 -16.80
N THR C 120 22.81 5.62 -16.88
CA THR C 120 22.83 6.35 -18.14
C THR C 120 24.22 6.95 -18.41
N GLN C 121 24.96 7.24 -17.34
CA GLN C 121 26.35 7.73 -17.45
C GLN C 121 27.27 6.66 -18.02
N SER C 122 27.27 5.48 -17.39
CA SER C 122 28.05 4.34 -17.86
C SER C 122 27.50 3.79 -19.18
N GLY C 123 26.22 4.09 -19.44
CA GLY C 123 25.56 3.70 -20.69
C GLY C 123 26.16 4.37 -21.91
N VAL C 124 26.32 5.69 -21.83
CA VAL C 124 26.92 6.47 -22.91
C VAL C 124 28.43 6.19 -22.98
N VAL C 125 29.06 6.04 -21.81
CA VAL C 125 30.50 5.74 -21.73
C VAL C 125 30.86 4.43 -22.43
N VAL C 126 30.02 3.41 -22.26
CA VAL C 126 30.19 2.14 -22.97
C VAL C 126 29.96 2.33 -24.48
N LEU C 127 28.91 3.08 -24.81
CA LEU C 127 28.54 3.34 -26.20
C LEU C 127 29.67 4.04 -26.97
N ILE C 128 30.30 5.01 -26.32
CA ILE C 128 31.41 5.76 -26.92
C ILE C 128 32.69 4.92 -27.00
N LEU C 129 32.99 4.18 -25.92
CA LEU C 129 34.14 3.29 -25.88
C LEU C 129 34.11 2.22 -26.97
N THR C 130 32.90 1.82 -27.35
CA THR C 130 32.69 0.83 -28.42
C THR C 130 33.15 1.37 -29.77
N VAL C 131 32.67 2.55 -30.15
CA VAL C 131 33.02 3.17 -31.43
C VAL C 131 34.52 3.46 -31.52
N LEU C 132 35.10 3.97 -30.42
CA LEU C 132 36.52 4.31 -30.36
C LEU C 132 37.45 3.09 -30.46
N SER C 133 37.00 1.97 -29.90
CA SER C 133 37.79 0.73 -29.95
C SER C 133 37.48 -0.09 -31.21
N SER C 134 36.30 0.11 -31.79
CA SER C 134 35.91 -0.59 -33.02
C SER C 134 36.59 0.00 -34.26
N VAL C 135 36.62 1.34 -34.34
CA VAL C 135 37.34 2.05 -35.39
C VAL C 135 38.85 1.96 -35.14
N GLY C 136 39.24 2.04 -33.87
CA GLY C 136 40.64 1.99 -33.46
C GLY C 136 41.35 0.67 -33.69
N LEU C 137 40.59 -0.43 -33.67
CA LEU C 137 41.15 -1.77 -33.94
C LEU C 137 41.14 -2.14 -35.41
N ALA C 138 40.06 -1.79 -36.11
CA ALA C 138 39.88 -2.13 -37.53
C ALA C 138 40.95 -1.51 -38.45
N ALA C 139 41.85 -0.73 -37.88
CA ALA C 139 42.96 -0.15 -38.62
C ALA C 139 44.30 -0.51 -37.96
N MET C 140 44.60 -1.80 -37.90
CA MET C 140 45.84 -2.30 -37.29
C MET C 140 46.66 -3.19 -38.23
N SER D 2 19.42 -28.75 1.55
CA SER D 2 19.37 -27.59 0.62
C SER D 2 20.75 -27.29 0.02
N SER D 3 21.05 -27.93 -1.11
CA SER D 3 22.29 -27.72 -1.84
C SER D 3 22.32 -26.34 -2.50
N LYS D 4 23.53 -25.80 -2.72
CA LYS D 4 23.66 -24.49 -3.35
C LYS D 4 24.42 -24.54 -4.70
N ALA D 5 23.88 -25.31 -5.62
CA ALA D 5 24.43 -25.42 -6.98
C ALA D 5 24.09 -24.20 -7.82
N ALA D 6 22.89 -23.64 -7.61
CA ALA D 6 22.43 -22.47 -8.35
C ALA D 6 23.29 -21.23 -8.09
N SER D 7 23.70 -21.04 -6.84
CA SER D 7 24.53 -19.91 -6.46
C SER D 7 25.97 -20.03 -6.97
N LEU D 8 26.53 -21.24 -6.87
CA LEU D 8 27.89 -21.51 -7.34
C LEU D 8 28.00 -21.41 -8.87
N HIS D 9 26.93 -21.80 -9.56
CA HIS D 9 26.84 -21.69 -11.01
C HIS D 9 27.01 -20.23 -11.44
N TRP D 10 26.38 -19.33 -10.69
CA TRP D 10 26.46 -17.89 -10.92
C TRP D 10 27.89 -17.38 -10.70
N THR D 11 28.54 -17.88 -9.65
CA THR D 11 29.92 -17.50 -9.33
C THR D 11 30.88 -17.93 -10.43
N GLY D 12 30.71 -19.16 -10.92
CA GLY D 12 31.51 -19.69 -12.02
C GLY D 12 31.42 -18.80 -13.26
N GLU D 13 30.20 -18.35 -13.55
CA GLU D 13 29.92 -17.48 -14.70
C GLU D 13 30.71 -16.17 -14.66
N ARG D 14 30.92 -15.63 -13.47
CA ARG D 14 31.64 -14.37 -13.30
C ARG D 14 33.15 -14.59 -13.20
N VAL D 15 33.53 -15.74 -12.65
CA VAL D 15 34.95 -16.13 -12.58
C VAL D 15 35.50 -16.40 -13.98
N VAL D 16 34.68 -16.99 -14.86
CA VAL D 16 35.09 -17.18 -16.26
C VAL D 16 34.99 -15.90 -17.07
N SER D 17 34.16 -14.96 -16.61
CA SER D 17 34.04 -13.64 -17.25
C SER D 17 35.26 -12.78 -16.99
N VAL D 18 35.76 -12.79 -15.76
CA VAL D 18 37.00 -12.08 -15.41
C VAL D 18 38.22 -12.78 -15.99
N LEU D 19 38.08 -14.09 -16.22
CA LEU D 19 39.12 -14.88 -16.87
C LEU D 19 39.20 -14.55 -18.36
N LEU D 20 38.03 -14.49 -19.02
CA LEU D 20 37.95 -14.19 -20.45
C LEU D 20 38.41 -12.76 -20.77
N LEU D 21 38.05 -11.83 -19.90
CA LEU D 21 38.50 -10.44 -20.00
C LEU D 21 40.01 -10.36 -19.77
N GLY D 22 40.53 -11.22 -18.89
CA GLY D 22 41.96 -11.29 -18.64
C GLY D 22 42.76 -11.93 -19.77
N LEU D 23 42.08 -12.76 -20.56
CA LEU D 23 42.75 -13.54 -21.62
C LEU D 23 42.91 -12.82 -22.96
N LEU D 24 42.02 -11.87 -23.25
CA LEU D 24 42.10 -11.12 -24.52
C LEU D 24 43.35 -10.25 -24.65
N PRO D 25 43.70 -9.48 -23.59
CA PRO D 25 44.98 -8.76 -23.65
C PRO D 25 46.18 -9.69 -23.52
N ALA D 26 46.02 -10.76 -22.74
CA ALA D 26 47.09 -11.75 -22.55
C ALA D 26 47.40 -12.53 -23.83
N ALA D 27 46.38 -12.69 -24.69
CA ALA D 27 46.55 -13.34 -25.99
C ALA D 27 47.25 -12.41 -26.99
N TYR D 28 47.05 -11.11 -26.82
CA TYR D 28 47.72 -10.10 -27.63
C TYR D 28 49.18 -9.94 -27.24
N LEU D 29 49.42 -9.74 -25.95
CA LEU D 29 50.76 -9.54 -25.41
C LEU D 29 51.61 -10.81 -25.48
N ASN D 30 50.96 -11.96 -25.30
CA ASN D 30 51.65 -13.24 -25.26
C ASN D 30 50.90 -14.29 -26.08
N PRO D 31 51.11 -14.30 -27.42
CA PRO D 31 50.50 -15.32 -28.28
C PRO D 31 51.33 -16.60 -28.27
N CYS D 32 50.73 -17.70 -27.82
CA CYS D 32 51.41 -19.00 -27.74
C CYS D 32 50.41 -20.15 -27.84
N SER D 33 50.94 -21.37 -27.89
CA SER D 33 50.13 -22.58 -27.96
C SER D 33 49.26 -22.75 -26.70
N ALA D 34 49.86 -22.51 -25.53
CA ALA D 34 49.17 -22.59 -24.25
C ALA D 34 48.02 -21.60 -24.14
N MET D 35 48.21 -20.42 -24.71
CA MET D 35 47.18 -19.38 -24.75
C MET D 35 46.03 -19.76 -25.67
N ASP D 36 46.36 -20.46 -26.75
CA ASP D 36 45.36 -20.92 -27.72
C ASP D 36 44.38 -21.94 -27.13
N TYR D 37 44.90 -22.82 -26.27
CA TYR D 37 44.06 -23.82 -25.60
C TYR D 37 43.22 -23.21 -24.48
N SER D 38 43.83 -22.31 -23.70
CA SER D 38 43.13 -21.63 -22.60
C SER D 38 42.06 -20.67 -23.13
N LEU D 39 42.30 -20.09 -24.30
CA LEU D 39 41.34 -19.19 -24.94
C LEU D 39 40.21 -19.97 -25.63
N ALA D 40 40.48 -21.23 -25.95
CA ALA D 40 39.45 -22.11 -26.51
C ALA D 40 38.58 -22.70 -25.39
N ALA D 41 39.19 -22.93 -24.23
CA ALA D 41 38.50 -23.51 -23.08
C ALA D 41 37.58 -22.50 -22.42
N ALA D 42 38.08 -21.30 -22.18
CA ALA D 42 37.30 -20.25 -21.53
C ALA D 42 36.23 -19.67 -22.46
N LEU D 43 36.53 -19.64 -23.76
CA LEU D 43 35.64 -19.07 -24.77
C LEU D 43 34.38 -19.90 -24.98
N THR D 44 34.55 -21.23 -25.01
CA THR D 44 33.43 -22.13 -25.28
C THR D 44 32.57 -22.34 -24.03
N LEU D 45 33.20 -22.33 -22.86
CA LEU D 45 32.51 -22.51 -21.58
C LEU D 45 31.57 -21.33 -21.31
N HIS D 46 32.11 -20.11 -21.39
CA HIS D 46 31.36 -18.88 -21.14
C HIS D 46 30.21 -18.69 -22.12
N GLY D 47 30.44 -19.04 -23.38
CA GLY D 47 29.41 -18.99 -24.41
C GLY D 47 28.32 -20.00 -24.16
N HIS D 48 28.71 -21.18 -23.69
CA HIS D 48 27.77 -22.25 -23.36
C HIS D 48 26.81 -21.81 -22.23
N TRP D 49 27.38 -21.28 -21.16
CA TRP D 49 26.59 -20.81 -20.02
C TRP D 49 25.72 -19.60 -20.40
N GLY D 50 26.24 -18.75 -21.28
CA GLY D 50 25.50 -17.59 -21.78
C GLY D 50 24.23 -17.97 -22.52
N ILE D 51 24.36 -18.85 -23.51
CA ILE D 51 23.21 -19.35 -24.29
C ILE D 51 22.28 -20.19 -23.40
N GLY D 52 22.85 -20.94 -22.47
CA GLY D 52 22.09 -21.69 -21.48
C GLY D 52 21.08 -20.83 -20.75
N GLN D 53 21.48 -19.59 -20.46
CA GLN D 53 20.62 -18.61 -19.80
C GLN D 53 19.49 -18.13 -20.69
N VAL D 54 19.73 -18.09 -22.00
CA VAL D 54 18.71 -17.67 -22.96
C VAL D 54 17.63 -18.75 -23.11
N VAL D 55 18.07 -20.01 -23.18
CA VAL D 55 17.16 -21.15 -23.31
C VAL D 55 16.20 -21.24 -22.12
N THR D 56 16.73 -21.11 -20.91
CA THR D 56 15.94 -21.16 -19.68
C THR D 56 14.97 -19.97 -19.58
N ASP D 57 15.41 -18.82 -20.07
CA ASP D 57 14.59 -17.60 -20.07
C ASP D 57 13.44 -17.67 -21.06
N TYR D 58 13.71 -18.25 -22.22
CA TYR D 58 12.79 -18.17 -23.36
C TYR D 58 11.97 -19.44 -23.63
N VAL D 59 12.65 -20.58 -23.74
CA VAL D 59 11.98 -21.83 -24.13
C VAL D 59 11.12 -22.41 -23.00
N ARG D 60 9.81 -22.18 -23.12
CA ARG D 60 8.84 -22.67 -22.14
C ARG D 60 8.31 -24.03 -22.54
N GLY D 61 8.58 -25.04 -21.72
CA GLY D 61 8.13 -26.39 -22.00
C GLY D 61 8.77 -27.48 -21.16
N ASP D 62 8.08 -28.63 -21.09
CA ASP D 62 8.55 -29.80 -20.37
C ASP D 62 9.72 -30.45 -21.12
N ALA D 63 9.39 -31.25 -22.15
CA ALA D 63 10.39 -31.93 -22.97
C ALA D 63 10.97 -31.00 -24.04
N LEU D 64 10.64 -29.72 -23.96
CA LEU D 64 11.18 -28.71 -24.87
C LEU D 64 12.47 -28.11 -24.33
N GLN D 65 12.47 -27.78 -23.03
CA GLN D 65 13.65 -27.19 -22.37
C GLN D 65 14.79 -28.19 -22.25
N LYS D 66 14.44 -29.46 -21.98
CA LYS D 66 15.42 -30.53 -21.84
C LYS D 66 16.11 -30.86 -23.17
N ALA D 67 15.35 -30.73 -24.26
CA ALA D 67 15.85 -31.02 -25.61
C ALA D 67 16.84 -29.97 -26.10
N ALA D 68 16.50 -28.69 -25.88
CA ALA D 68 17.35 -27.57 -26.26
C ALA D 68 18.67 -27.57 -25.47
N LYS D 69 18.58 -27.91 -24.18
CA LYS D 69 19.77 -28.04 -23.33
C LYS D 69 20.69 -29.16 -23.79
N ALA D 70 20.09 -30.23 -24.34
CA ALA D 70 20.86 -31.34 -24.90
C ALA D 70 21.56 -30.92 -26.20
N GLY D 71 20.82 -30.24 -27.07
CA GLY D 71 21.35 -29.75 -28.35
C GLY D 71 22.43 -28.71 -28.20
N LEU D 72 22.33 -27.89 -27.15
CA LEU D 72 23.34 -26.89 -26.82
C LEU D 72 24.65 -27.52 -26.37
N LEU D 73 24.55 -28.59 -25.57
CA LEU D 73 25.72 -29.32 -25.09
C LEU D 73 26.49 -29.98 -26.23
N ALA D 74 25.75 -30.53 -27.18
CA ALA D 74 26.34 -31.11 -28.38
C ALA D 74 27.04 -30.05 -29.22
N LEU D 75 26.42 -28.89 -29.35
CA LEU D 75 26.95 -27.77 -30.12
C LEU D 75 28.24 -27.22 -29.49
N SER D 76 28.26 -27.15 -28.16
CA SER D 76 29.42 -26.66 -27.41
C SER D 76 30.57 -27.65 -27.41
N ALA D 77 30.26 -28.93 -27.19
CA ALA D 77 31.25 -30.00 -27.19
C ALA D 77 31.93 -30.10 -28.55
N PHE D 78 31.16 -29.87 -29.62
CA PHE D 78 31.70 -29.83 -30.97
C PHE D 78 32.54 -28.57 -31.20
N THR D 79 32.07 -27.45 -30.67
CA THR D 79 32.78 -26.18 -30.80
C THR D 79 34.14 -26.22 -30.11
N PHE D 80 34.17 -26.71 -28.87
CA PHE D 80 35.43 -26.78 -28.11
C PHE D 80 36.45 -27.75 -28.70
N ALA D 81 35.98 -28.92 -29.14
CA ALA D 81 36.83 -29.93 -29.75
C ALA D 81 37.39 -29.46 -31.09
N GLY D 82 36.56 -28.77 -31.86
CA GLY D 82 36.96 -28.18 -33.15
C GLY D 82 38.02 -27.13 -33.00
N LEU D 83 37.87 -26.29 -31.98
CA LEU D 83 38.86 -25.26 -31.64
C LEU D 83 40.17 -25.90 -31.19
N CYS D 84 40.07 -26.98 -30.41
CA CYS D 84 41.24 -27.74 -29.98
C CYS D 84 41.95 -28.35 -31.17
N TYR D 85 41.19 -28.93 -32.09
CA TYR D 85 41.74 -29.51 -33.31
C TYR D 85 42.46 -28.45 -34.14
N PHE D 86 41.88 -27.24 -34.16
CA PHE D 86 42.47 -26.11 -34.87
C PHE D 86 43.77 -25.64 -34.22
N ASN D 87 43.86 -25.79 -32.89
CA ASN D 87 45.07 -25.43 -32.15
C ASN D 87 46.20 -26.45 -32.33
N TYR D 88 45.83 -27.71 -32.57
CA TYR D 88 46.79 -28.81 -32.64
C TYR D 88 47.24 -29.10 -34.08
N HIS D 89 46.28 -29.19 -35.00
CA HIS D 89 46.57 -29.57 -36.39
C HIS D 89 46.54 -28.41 -37.38
N ASP D 90 46.42 -27.19 -36.86
CA ASP D 90 46.44 -25.99 -37.69
C ASP D 90 47.19 -24.86 -36.99
N VAL D 91 47.01 -23.64 -37.48
CA VAL D 91 47.78 -22.46 -37.06
C VAL D 91 47.57 -22.08 -35.59
N GLY D 92 46.34 -22.21 -35.11
CA GLY D 92 45.99 -21.83 -33.75
C GLY D 92 45.51 -20.40 -33.68
N ILE D 93 44.43 -20.18 -32.91
CA ILE D 93 43.73 -18.88 -32.85
C ILE D 93 44.64 -17.65 -32.87
N CYS D 94 45.62 -17.61 -31.96
CA CYS D 94 46.54 -16.48 -31.83
C CYS D 94 47.34 -16.18 -33.09
N LYS D 95 47.77 -17.24 -33.78
CA LYS D 95 48.51 -17.09 -35.03
C LYS D 95 47.58 -17.15 -36.25
N ALA D 96 46.29 -17.40 -36.00
CA ALA D 96 45.27 -17.42 -37.05
C ALA D 96 44.60 -16.06 -37.21
N VAL D 97 44.26 -15.44 -36.08
CA VAL D 97 43.70 -14.09 -36.06
C VAL D 97 44.72 -13.10 -36.63
N ALA D 98 45.97 -13.27 -36.23
CA ALA D 98 47.09 -12.43 -36.68
C ALA D 98 47.20 -12.37 -38.21
N MET D 99 47.06 -13.52 -38.86
CA MET D 99 47.08 -13.62 -40.31
C MET D 99 45.85 -12.97 -40.93
N LEU D 100 44.69 -13.25 -40.32
CA LEU D 100 43.41 -12.74 -40.78
C LEU D 100 43.35 -11.21 -40.78
N TRP D 101 44.01 -10.60 -39.80
CA TRP D 101 43.92 -9.16 -39.59
C TRP D 101 44.77 -8.35 -40.57
N LYS D 102 46.05 -8.71 -40.70
CA LYS D 102 46.92 -8.05 -41.69
C LYS D 102 46.59 -8.54 -43.10
N LEU D 103 45.45 -8.10 -43.60
CA LEU D 103 44.90 -8.55 -44.88
C LEU D 103 44.01 -7.46 -45.49
PA FAD E . -9.53 0.73 7.73
O1A FAD E . -8.05 1.00 7.83
O2A FAD E . -10.27 2.03 7.58
O5B FAD E . -9.78 -0.23 6.47
C5B FAD E . -11.10 -0.52 6.05
C4B FAD E . -11.25 -2.02 5.83
O4B FAD E . -12.61 -2.38 5.84
C3B FAD E . -10.67 -2.45 4.49
O3B FAD E . -9.88 -3.60 4.68
C2B FAD E . -11.89 -2.77 3.64
O2B FAD E . -11.66 -3.86 2.78
C1B FAD E . -12.94 -3.12 4.67
N9A FAD E . -14.28 -2.79 4.17
C8A FAD E . -14.90 -1.57 4.15
N7A FAD E . -16.12 -1.72 3.60
C5A FAD E . -16.29 -3.02 3.27
C6A FAD E . -17.35 -3.72 2.68
N6A FAD E . -18.23 -3.05 1.96
N1A FAD E . -17.22 -5.07 2.47
C2A FAD E . -16.06 -5.75 2.82
N3A FAD E . -15.02 -5.04 3.41
C4A FAD E . -15.14 -3.71 3.62
N1 FAD E . -4.21 7.02 13.45
C2 FAD E . -3.08 6.94 14.23
O2 FAD E . -3.15 6.42 15.35
N3 FAD E . -1.88 7.43 13.75
C4 FAD E . -1.82 8.01 12.49
O4 FAD E . -0.74 8.45 12.08
C4X FAD E . -2.96 8.10 11.70
N5 FAD E . -2.92 8.67 10.44
C5X FAD E . -4.05 8.74 9.66
C6 FAD E . -4.00 9.32 8.40
C7 FAD E . -5.15 9.41 7.61
C7M FAD E . -5.06 10.03 6.24
C8 FAD E . -6.36 8.90 8.09
C8M FAD E . -7.63 8.97 7.31
C9 FAD E . -6.41 8.32 9.36
C9A FAD E . -5.27 8.25 10.15
N10 FAD E . -5.32 7.68 11.41
C10 FAD E . -4.17 7.60 12.19
C1' FAD E . -6.63 7.12 11.90
C2' FAD E . -6.55 5.61 11.63
O2' FAD E . -5.61 5.35 10.61
C3' FAD E . -7.87 4.97 11.24
O3' FAD E . -8.79 5.13 12.30
C4' FAD E . -7.65 3.47 10.96
O4' FAD E . -6.81 3.34 9.84
C5' FAD E . -8.93 2.72 10.67
O5' FAD E . -8.62 1.35 10.53
P FAD E . -9.76 0.21 10.53
O1P FAD E . -9.22 -1.03 11.19
O2P FAD E . -11.00 0.67 11.26
O3P FAD E . -10.07 -0.13 8.99
FE1 FES F . -3.16 5.72 -5.97
FE2 FES F . -3.44 4.73 -3.09
S1 FES F . -1.74 4.99 -4.46
S2 FES F . -4.87 5.20 -4.70
FE1 SF4 G . 7.26 -1.41 -4.06
FE2 SF4 G . 6.05 -0.52 -6.34
FE3 SF4 G . 8.52 0.41 -5.62
FE4 SF4 G . 8.23 -2.15 -6.47
S1 SF4 G . 7.87 -0.25 -7.73
S2 SF4 G . 9.48 -1.46 -4.67
S3 SF4 G . 6.16 -2.70 -5.61
S4 SF4 G . 6.55 0.74 -4.48
FE1 F3S H . 16.22 -7.68 -12.52
FE3 F3S H . 14.86 -5.31 -12.51
FE4 F3S H . 14.61 -6.92 -14.03
S1 F3S H . 17.04 -5.64 -12.38
S2 F3S H . 15.82 -8.70 -14.44
S3 F3S H . 14.14 -7.30 -11.91
S4 F3S H . 13.62 -4.99 -14.31
CHA HEM I . 26.75 -12.38 -21.24
CHB HEM I . 31.22 -11.27 -19.74
CHC HEM I . 32.73 -11.80 -24.31
CHD HEM I . 28.86 -14.62 -25.04
C1A HEM I . 27.78 -11.91 -20.43
C2A HEM I . 27.69 -11.30 -19.10
C3A HEM I . 28.93 -11.00 -18.70
C4A HEM I . 29.85 -11.41 -19.74
CMA HEM I . 29.33 -10.34 -17.36
CAA HEM I . 26.42 -11.01 -18.24
CBA HEM I . 25.36 -12.10 -18.22
CGA HEM I . 24.08 -11.49 -17.72
O1A HEM I . 23.87 -11.48 -16.48
O2A HEM I . 23.28 -10.99 -18.56
C1B HEM I . 31.99 -11.15 -20.88
C2B HEM I . 33.21 -10.38 -21.05
C3B HEM I . 33.61 -10.53 -22.31
C4B HEM I . 32.68 -11.39 -23.00
CMB HEM I . 33.91 -9.54 -19.94
CAB HEM I . 34.88 -9.91 -22.94
CBB HEM I . 36.06 -10.50 -22.73
C1C HEM I . 31.90 -12.77 -24.84
C2C HEM I . 32.22 -13.69 -25.93
C3C HEM I . 31.15 -14.47 -26.13
C4C HEM I . 30.12 -14.07 -25.18
CMC HEM I . 33.57 -13.72 -26.68
CAC HEM I . 30.97 -15.61 -27.16
CBC HEM I . 31.63 -15.65 -28.32
C1D HEM I . 27.89 -14.26 -24.14
C2D HEM I . 26.53 -14.73 -24.11
C3D HEM I . 25.86 -14.03 -22.92
C4D HEM I . 26.90 -13.20 -22.34
CMD HEM I . 25.87 -15.75 -25.08
CAD HEM I . 24.41 -14.20 -22.43
CBD HEM I . 23.49 -13.14 -23.04
CGD HEM I . 22.34 -12.90 -22.09
O1D HEM I . 21.56 -13.86 -21.82
O2D HEM I . 22.19 -11.76 -21.58
NA HEM I . 29.11 -11.94 -20.77
NB HEM I . 31.69 -11.74 -22.10
NC HEM I . 30.62 -13.04 -24.42
ND HEM I . 28.06 -13.37 -23.08
FE HEM I . 29.90 -12.59 -22.59
N JMP J . 14.13 -7.92 -23.19
C1 JMP J . 14.91 -11.23 -20.68
O1 JMP J . 13.80 -10.16 -23.32
C2 JMP J . 16.04 -10.44 -21.28
O2 JMP J . 11.33 -4.35 -24.78
C3 JMP J . 15.84 -9.48 -22.40
O3 JMP J . 14.13 -11.97 -21.45
C4 JMP J . 16.96 -8.79 -22.88
O4 JMP J . 14.69 -11.19 -19.48
C5 JMP J . 18.22 -9.03 -22.34
C6 JMP J . 18.40 -9.94 -21.28
C7 JMP J . 17.32 -10.64 -20.76
C8 JMP J . 14.50 -9.20 -23.00
C9 JMP J . 13.14 -7.49 -24.02
C10 JMP J . 12.73 -6.14 -23.97
C11 JMP J . 11.72 -5.67 -24.82
C12 JMP J . 11.12 -6.56 -25.71
C13 JMP J . 11.50 -7.89 -25.76
C14 JMP J . 12.52 -8.35 -24.91
C15 JMP J . 9.95 -3.93 -24.80
C16 JMP J . 9.73 -2.74 -23.87
C17 JMP J . 9.54 -3.54 -26.21
C1 EPH K . 47.62 -8.99 -32.97
C2 EPH K . 48.50 -9.98 -33.74
C4 EPH K . 45.63 -8.31 -34.32
O2 EPH K . 46.26 -9.19 -33.36
O4 EPH K . 46.09 -8.23 -35.44
C18 EPH K . 44.41 -7.49 -33.93
C19 EPH K . 43.22 -8.41 -33.74
C20 EPH K . 41.96 -7.62 -33.39
C21 EPH K . 41.04 -8.44 -32.50
C22 EPH K . 39.77 -8.84 -33.25
C23 EPH K . 39.74 -10.35 -33.53
C24 EPH K . 38.52 -10.72 -34.35
C25 EPH K . 38.77 -11.97 -35.19
C26 EPH K . 37.71 -13.03 -34.91
C27 EPH K . 37.72 -14.14 -35.97
C28 EPH K . 38.53 -15.34 -35.51
C29 EPH K . 37.66 -16.40 -34.84
C30 EPH K . 38.32 -16.90 -33.56
C31 EPH K . 37.31 -17.62 -32.69
C37 EPH K . 49.56 -9.20 -34.51
O5 EPH K . 50.64 -8.82 -33.65
C3 EPH K . 48.36 -11.42 -31.72
O1 EPH K . 49.13 -10.94 -32.88
O3 EPH K . 48.80 -11.13 -30.62
C5 EPH K . 47.11 -12.26 -31.87
C6 EPH K . 46.17 -12.06 -30.69
C7 EPH K . 44.70 -12.08 -31.12
C8 EPH K . 43.76 -12.19 -29.93
C9 EPH K . 42.32 -11.86 -30.33
C10 EPH K . 41.36 -12.96 -29.91
C11 EPH K . 39.95 -12.71 -30.41
C12 EPH K . 38.98 -13.83 -30.03
C13 EPH K . 37.53 -13.36 -30.08
C14 EPH K . 36.67 -14.27 -30.93
C15 EPH K . 35.47 -13.52 -31.51
C16 EPH K . 34.73 -14.36 -32.55
C17 EPH K . 33.82 -13.50 -33.41
P1 EPH K . 51.03 -7.28 -33.33
O6 EPH K . 49.75 -6.45 -33.24
O7 EPH K . 51.98 -7.28 -32.15
O8 EPH K . 51.83 -6.80 -34.63
C38 EPH K . 52.39 -5.48 -34.71
C39 EPH K . 51.65 -4.67 -35.78
N1 EPH K . 51.20 -3.41 -35.19
#